data_2BUS
# 
_entry.id   2BUS 
# 
_audit_conform.dict_name       mmcif_pdbx.dic 
_audit_conform.dict_version    5.398 
_audit_conform.dict_location   http://mmcif.pdb.org/dictionaries/ascii/mmcif_pdbx.dic 
# 
loop_
_database_2.database_id 
_database_2.database_code 
_database_2.pdbx_database_accession 
_database_2.pdbx_DOI 
PDB   2BUS         pdb_00002bus 10.2210/pdb2bus/pdb 
WWPDB D_1000177881 ?            ?                   
# 
loop_
_pdbx_audit_revision_history.ordinal 
_pdbx_audit_revision_history.data_content_type 
_pdbx_audit_revision_history.major_revision 
_pdbx_audit_revision_history.minor_revision 
_pdbx_audit_revision_history.revision_date 
1 'Structure model' 1 0 1991-04-15 
2 'Structure model' 1 1 2008-03-24 
3 'Structure model' 1 2 2011-07-13 
4 'Structure model' 1 3 2017-11-29 
5 'Structure model' 2 0 2019-12-25 
6 'Structure model' 2 1 2024-10-30 
# 
_pdbx_audit_revision_details.ordinal             1 
_pdbx_audit_revision_details.revision_ordinal    1 
_pdbx_audit_revision_details.data_content_type   'Structure model' 
_pdbx_audit_revision_details.provider            repository 
_pdbx_audit_revision_details.type                'Initial release' 
_pdbx_audit_revision_details.description         ? 
_pdbx_audit_revision_details.details             ? 
# 
loop_
_pdbx_audit_revision_group.ordinal 
_pdbx_audit_revision_group.revision_ordinal 
_pdbx_audit_revision_group.data_content_type 
_pdbx_audit_revision_group.group 
1 2 'Structure model' 'Version format compliance' 
2 3 'Structure model' 'Version format compliance' 
3 4 'Structure model' 'Derived calculations'      
4 4 'Structure model' Other                       
5 5 'Structure model' 'Derived calculations'      
6 5 'Structure model' 'Polymer sequence'          
7 6 'Structure model' 'Data collection'           
8 6 'Structure model' 'Database references'       
9 6 'Structure model' 'Structure summary'         
# 
loop_
_pdbx_audit_revision_category.ordinal 
_pdbx_audit_revision_category.revision_ordinal 
_pdbx_audit_revision_category.data_content_type 
_pdbx_audit_revision_category.category 
1  4 'Structure model' pdbx_database_status      
2  4 'Structure model' pdbx_struct_assembly      
3  4 'Structure model' pdbx_struct_oper_list     
4  4 'Structure model' struct_conf               
5  4 'Structure model' struct_conf_type          
6  5 'Structure model' entity_poly               
7  5 'Structure model' pdbx_struct_mod_residue   
8  5 'Structure model' struct_conn               
9  6 'Structure model' chem_comp_atom            
10 6 'Structure model' chem_comp_bond            
11 6 'Structure model' database_2                
12 6 'Structure model' pdbx_entry_details        
13 6 'Structure model' pdbx_modification_feature 
# 
loop_
_pdbx_audit_revision_item.ordinal 
_pdbx_audit_revision_item.revision_ordinal 
_pdbx_audit_revision_item.data_content_type 
_pdbx_audit_revision_item.item 
1 4 'Structure model' '_pdbx_database_status.process_site'        
2 5 'Structure model' '_entity_poly.pdbx_seq_one_letter_code_can' 
3 5 'Structure model' '_pdbx_struct_mod_residue.parent_comp_id'   
4 5 'Structure model' '_struct_conn.pdbx_leaving_atom_flag'       
5 6 'Structure model' '_database_2.pdbx_DOI'                      
6 6 'Structure model' '_database_2.pdbx_database_accession'       
# 
_pdbx_database_status.status_code                     REL 
_pdbx_database_status.entry_id                        2BUS 
_pdbx_database_status.recvd_initial_deposition_date   1990-05-14 
_pdbx_database_status.deposit_site                    ? 
_pdbx_database_status.process_site                    BNL 
_pdbx_database_status.SG_entry                        . 
_pdbx_database_status.pdb_format_compatible           Y 
_pdbx_database_status.status_code_mr                  ? 
_pdbx_database_status.status_code_sf                  ? 
_pdbx_database_status.status_code_cs                  ? 
_pdbx_database_status.methods_development_category    ? 
_pdbx_database_status.status_code_nmr_data            ? 
# 
_pdbx_database_related.db_name        PDB 
_pdbx_database_related.db_id          1BUS 
_pdbx_database_related.details        . 
_pdbx_database_related.content_type   ensemble 
# 
loop_
_audit_author.name 
_audit_author.pdbx_ordinal 
'Guntert, P.'      1 
'Williamson, M.P.' 2 
'Havel, T.F.'      3 
'Wuthrich, K.'     4 
# 
loop_
_citation.id 
_citation.title 
_citation.journal_abbrev 
_citation.journal_volume 
_citation.page_first 
_citation.page_last 
_citation.year 
_citation.journal_id_ASTM 
_citation.country 
_citation.journal_id_ISSN 
_citation.journal_id_CSD 
_citation.book_publisher 
_citation.pdbx_database_id_PubMed 
_citation.pdbx_database_id_DOI 
primary 
'Solution conformation of proteinase inhibitor IIA from bull seminal plasma by 1H nuclear magnetic resonance and distance geometry.' 
J.Mol.Biol. 182 295 315 1985 JMOBAK UK 0022-2836 0070 ? 3839023 '10.1016/0022-2836(85)90347-X' 
1       
;Secondary Structure in the Solution Conformation of the Proteinase Inhibitor Iia from Bull Seminal Plasma by Nuclear Magnetic Resonance
;
J.Mol.Biol. 173 341 ?   1984 JMOBAK UK 0022-2836 0070 ? ?       ?                              
2       
;Assignment of the 1H Nuclear Magnetic Resonance Spectrum of the Proteinase Inhibitor Iia from Bull Seminal Plasma by Two-Dimensional Nuclear Magnetic Resonance at 500 Mhz
;
J.Mol.Biol. 166 641 ?   1983 JMOBAK UK 0022-2836 0070 ? ?       ?                              
3       
;Characterization of the Proteinase Inhibitor Iia from Bull Seminal Plasma by 1H Nuclear Magnetic Resonance. Stability, Amide Proton Exchange and Mobility of Aromatic Residues
;
J.Mol.Biol. 166 631 ?   1983 JMOBAK UK 0022-2836 0070 ? ?       ?                              
# 
loop_
_citation_author.citation_id 
_citation_author.name 
_citation_author.ordinal 
_citation_author.identifier_ORCID 
primary 'Williamson, M.P.' 1  ? 
primary 'Havel, T.F.'      2  ? 
primary 'Wuthrich, K.'     3  ? 
1       'Williamson, M.P.' 4  ? 
1       'Marion, D.'       5  ? 
1       'Wuthrich, K.'     6  ? 
2       'Strop, P.'        7  ? 
2       'Wider, G.'        8  ? 
2       'Wuthrich, K.'     9  ? 
3       'Strop, P.'        10 ? 
3       'Wuthrich, K.'     11 ? 
# 
_entity.id                         1 
_entity.type                       polymer 
_entity.src_method                 man 
_entity.pdbx_description           'PROTEINASE INHIBITOR IIA' 
_entity.formula_weight             6191.089 
_entity.pdbx_number_of_molecules   1 
_entity.pdbx_ec                    ? 
_entity.pdbx_mutation              ? 
_entity.pdbx_fragment              ? 
_entity.details                    ? 
# 
_entity_poly.entity_id                      1 
_entity_poly.type                           'polypeptide(L)' 
_entity_poly.nstd_linkage                   no 
_entity_poly.nstd_monomer                   yes 
_entity_poly.pdbx_seq_one_letter_code       '(PCA)GAQVDCAEFKDPKVYCTRESNPHCGSNGETYGNKCAFCKAVMKSGGKINLKHRGKC' 
_entity_poly.pdbx_seq_one_letter_code_can   QGAQVDCAEFKDPKVYCTRESNPHCGSNGETYGNKCAFCKAVMKSGGKINLKHRGKC 
_entity_poly.pdbx_strand_id                 A 
_entity_poly.pdbx_target_identifier         ? 
# 
loop_
_entity_poly_seq.entity_id 
_entity_poly_seq.num 
_entity_poly_seq.mon_id 
_entity_poly_seq.hetero 
1 1  PCA n 
1 2  GLY n 
1 3  ALA n 
1 4  GLN n 
1 5  VAL n 
1 6  ASP n 
1 7  CYS n 
1 8  ALA n 
1 9  GLU n 
1 10 PHE n 
1 11 LYS n 
1 12 ASP n 
1 13 PRO n 
1 14 LYS n 
1 15 VAL n 
1 16 TYR n 
1 17 CYS n 
1 18 THR n 
1 19 ARG n 
1 20 GLU n 
1 21 SER n 
1 22 ASN n 
1 23 PRO n 
1 24 HIS n 
1 25 CYS n 
1 26 GLY n 
1 27 SER n 
1 28 ASN n 
1 29 GLY n 
1 30 GLU n 
1 31 THR n 
1 32 TYR n 
1 33 GLY n 
1 34 ASN n 
1 35 LYS n 
1 36 CYS n 
1 37 ALA n 
1 38 PHE n 
1 39 CYS n 
1 40 LYS n 
1 41 ALA n 
1 42 VAL n 
1 43 MET n 
1 44 LYS n 
1 45 SER n 
1 46 GLY n 
1 47 GLY n 
1 48 LYS n 
1 49 ILE n 
1 50 ASN n 
1 51 LEU n 
1 52 LYS n 
1 53 HIS n 
1 54 ARG n 
1 55 GLY n 
1 56 LYS n 
1 57 CYS n 
# 
_entity_src_gen.entity_id                          1 
_entity_src_gen.pdbx_src_id                        1 
_entity_src_gen.pdbx_alt_source_flag               sample 
_entity_src_gen.pdbx_seq_type                      ? 
_entity_src_gen.pdbx_beg_seq_num                   ? 
_entity_src_gen.pdbx_end_seq_num                   ? 
_entity_src_gen.gene_src_common_name               cattle 
_entity_src_gen.gene_src_genus                     Bos 
_entity_src_gen.pdbx_gene_src_gene                 ? 
_entity_src_gen.gene_src_species                   ? 
_entity_src_gen.gene_src_strain                    ? 
_entity_src_gen.gene_src_tissue                    ? 
_entity_src_gen.gene_src_tissue_fraction           ? 
_entity_src_gen.gene_src_details                   ? 
_entity_src_gen.pdbx_gene_src_fragment             ? 
_entity_src_gen.pdbx_gene_src_scientific_name      'Bos taurus' 
_entity_src_gen.pdbx_gene_src_ncbi_taxonomy_id     9913 
_entity_src_gen.pdbx_gene_src_variant              ? 
_entity_src_gen.pdbx_gene_src_cell_line            ? 
_entity_src_gen.pdbx_gene_src_atcc                 ? 
_entity_src_gen.pdbx_gene_src_organ                ? 
_entity_src_gen.pdbx_gene_src_organelle            ? 
_entity_src_gen.pdbx_gene_src_cell                 ? 
_entity_src_gen.pdbx_gene_src_cellular_location    ? 
_entity_src_gen.host_org_common_name               ? 
_entity_src_gen.pdbx_host_org_scientific_name      ? 
_entity_src_gen.pdbx_host_org_ncbi_taxonomy_id     ? 
_entity_src_gen.host_org_genus                     ? 
_entity_src_gen.pdbx_host_org_gene                 ? 
_entity_src_gen.pdbx_host_org_organ                ? 
_entity_src_gen.host_org_species                   ? 
_entity_src_gen.pdbx_host_org_tissue               ? 
_entity_src_gen.pdbx_host_org_tissue_fraction      ? 
_entity_src_gen.pdbx_host_org_strain               ? 
_entity_src_gen.pdbx_host_org_variant              ? 
_entity_src_gen.pdbx_host_org_cell_line            ? 
_entity_src_gen.pdbx_host_org_atcc                 ? 
_entity_src_gen.pdbx_host_org_culture_collection   ? 
_entity_src_gen.pdbx_host_org_cell                 ? 
_entity_src_gen.pdbx_host_org_organelle            ? 
_entity_src_gen.pdbx_host_org_cellular_location    ? 
_entity_src_gen.pdbx_host_org_vector_type          ? 
_entity_src_gen.pdbx_host_org_vector               ? 
_entity_src_gen.host_org_details                   ? 
_entity_src_gen.expression_system_id               ? 
_entity_src_gen.plasmid_name                       ? 
_entity_src_gen.plasmid_details                    ? 
_entity_src_gen.pdbx_description                   ? 
# 
loop_
_chem_comp.id 
_chem_comp.type 
_chem_comp.mon_nstd_flag 
_chem_comp.name 
_chem_comp.pdbx_synonyms 
_chem_comp.formula 
_chem_comp.formula_weight 
ALA 'L-peptide linking' y ALANINE             ? 'C3 H7 N O2'     89.093  
ARG 'L-peptide linking' y ARGININE            ? 'C6 H15 N4 O2 1' 175.209 
ASN 'L-peptide linking' y ASPARAGINE          ? 'C4 H8 N2 O3'    132.118 
ASP 'L-peptide linking' y 'ASPARTIC ACID'     ? 'C4 H7 N O4'     133.103 
CYS 'L-peptide linking' y CYSTEINE            ? 'C3 H7 N O2 S'   121.158 
GLN 'L-peptide linking' y GLUTAMINE           ? 'C5 H10 N2 O3'   146.144 
GLU 'L-peptide linking' y 'GLUTAMIC ACID'     ? 'C5 H9 N O4'     147.129 
GLY 'peptide linking'   y GLYCINE             ? 'C2 H5 N O2'     75.067  
HIS 'L-peptide linking' y HISTIDINE           ? 'C6 H10 N3 O2 1' 156.162 
ILE 'L-peptide linking' y ISOLEUCINE          ? 'C6 H13 N O2'    131.173 
LEU 'L-peptide linking' y LEUCINE             ? 'C6 H13 N O2'    131.173 
LYS 'L-peptide linking' y LYSINE              ? 'C6 H15 N2 O2 1' 147.195 
MET 'L-peptide linking' y METHIONINE          ? 'C5 H11 N O2 S'  149.211 
PCA 'L-peptide linking' n 'PYROGLUTAMIC ACID' ? 'C5 H7 N O3'     129.114 
PHE 'L-peptide linking' y PHENYLALANINE       ? 'C9 H11 N O2'    165.189 
PRO 'L-peptide linking' y PROLINE             ? 'C5 H9 N O2'     115.130 
SER 'L-peptide linking' y SERINE              ? 'C3 H7 N O3'     105.093 
THR 'L-peptide linking' y THREONINE           ? 'C4 H9 N O3'     119.119 
TYR 'L-peptide linking' y TYROSINE            ? 'C9 H11 N O3'    181.189 
VAL 'L-peptide linking' y VALINE              ? 'C5 H11 N O2'    117.146 
# 
loop_
_pdbx_poly_seq_scheme.asym_id 
_pdbx_poly_seq_scheme.entity_id 
_pdbx_poly_seq_scheme.seq_id 
_pdbx_poly_seq_scheme.mon_id 
_pdbx_poly_seq_scheme.ndb_seq_num 
_pdbx_poly_seq_scheme.pdb_seq_num 
_pdbx_poly_seq_scheme.auth_seq_num 
_pdbx_poly_seq_scheme.pdb_mon_id 
_pdbx_poly_seq_scheme.auth_mon_id 
_pdbx_poly_seq_scheme.pdb_strand_id 
_pdbx_poly_seq_scheme.pdb_ins_code 
_pdbx_poly_seq_scheme.hetero 
A 1 1  PCA 1  1  1  PCA PCA A . n 
A 1 2  GLY 2  2  2  GLY GLY A . n 
A 1 3  ALA 3  3  3  ALA ALA A . n 
A 1 4  GLN 4  4  4  GLN GLN A . n 
A 1 5  VAL 5  5  5  VAL VAL A . n 
A 1 6  ASP 6  6  6  ASP ASP A . n 
A 1 7  CYS 7  7  7  CYS CYS A . n 
A 1 8  ALA 8  8  8  ALA ALA A . n 
A 1 9  GLU 9  9  9  GLU GLU A . n 
A 1 10 PHE 10 10 10 PHE PHE A . n 
A 1 11 LYS 11 11 11 LYS LYS A . n 
A 1 12 ASP 12 12 12 ASP ASP A . n 
A 1 13 PRO 13 13 13 PRO PRO A . n 
A 1 14 LYS 14 14 14 LYS LYS A . n 
A 1 15 VAL 15 15 15 VAL VAL A . n 
A 1 16 TYR 16 16 16 TYR TYR A . n 
A 1 17 CYS 17 17 17 CYS CYS A . n 
A 1 18 THR 18 18 18 THR THR A . n 
A 1 19 ARG 19 19 19 ARG ARG A . n 
A 1 20 GLU 20 20 20 GLU GLU A . n 
A 1 21 SER 21 21 21 SER SER A . n 
A 1 22 ASN 22 22 22 ASN ASN A . n 
A 1 23 PRO 23 23 23 PRO PRO A . n 
A 1 24 HIS 24 24 24 HIS HIS A . n 
A 1 25 CYS 25 25 25 CYS CYS A . n 
A 1 26 GLY 26 26 26 GLY GLY A . n 
A 1 27 SER 27 27 27 SER SER A . n 
A 1 28 ASN 28 28 28 ASN ASN A . n 
A 1 29 GLY 29 29 29 GLY GLY A . n 
A 1 30 GLU 30 30 30 GLU GLU A . n 
A 1 31 THR 31 31 31 THR THR A . n 
A 1 32 TYR 32 32 32 TYR TYR A . n 
A 1 33 GLY 33 33 33 GLY GLY A . n 
A 1 34 ASN 34 34 34 ASN ASN A . n 
A 1 35 LYS 35 35 35 LYS LYS A . n 
A 1 36 CYS 36 36 36 CYS CYS A . n 
A 1 37 ALA 37 37 37 ALA ALA A . n 
A 1 38 PHE 38 38 38 PHE PHE A . n 
A 1 39 CYS 39 39 39 CYS CYS A . n 
A 1 40 LYS 40 40 40 LYS LYS A . n 
A 1 41 ALA 41 41 41 ALA ALA A . n 
A 1 42 VAL 42 42 42 VAL VAL A . n 
A 1 43 MET 43 43 43 MET MET A . n 
A 1 44 LYS 44 44 44 LYS LYS A . n 
A 1 45 SER 45 45 45 SER SER A . n 
A 1 46 GLY 46 46 46 GLY GLY A . n 
A 1 47 GLY 47 47 47 GLY GLY A . n 
A 1 48 LYS 48 48 48 LYS LYS A . n 
A 1 49 ILE 49 49 49 ILE ILE A . n 
A 1 50 ASN 50 50 50 ASN ASN A . n 
A 1 51 LEU 51 51 51 LEU LEU A . n 
A 1 52 LYS 52 52 52 LYS LYS A . n 
A 1 53 HIS 53 53 53 HIS HIS A . n 
A 1 54 ARG 54 54 54 ARG ARG A . n 
A 1 55 GLY 55 55 55 GLY GLY A . n 
A 1 56 LYS 56 56 56 LYS LYS A . n 
A 1 57 CYS 57 57 57 CYS CYS A . n 
# 
_cell.entry_id           2BUS 
_cell.length_a           1.000 
_cell.length_b           1.000 
_cell.length_c           1.000 
_cell.angle_alpha        90.00 
_cell.angle_beta         90.00 
_cell.angle_gamma        90.00 
_cell.Z_PDB              1 
_cell.pdbx_unique_axis   ? 
# 
_symmetry.entry_id                         2BUS 
_symmetry.space_group_name_H-M             'P 1' 
_symmetry.pdbx_full_space_group_name_H-M   ? 
_symmetry.cell_setting                     ? 
_symmetry.Int_Tables_number                1 
# 
_exptl.entry_id          2BUS 
_exptl.method            'SOLUTION NMR' 
_exptl.crystals_number   ? 
# 
_struct.entry_id                  2BUS 
_struct.title                     
'SOLUTION CONFORMATION OF PROTEINASE INHIBITOR IIA FROM BULL SEMINAL PLASMA BY 1H NUCLEAR MAGNETIC RESONANCE AND DISTANCE GEOMETRY' 
_struct.pdbx_model_details        ? 
_struct.pdbx_CASP_flag            ? 
_struct.pdbx_model_type_details   ? 
# 
_struct_keywords.entry_id        2BUS 
_struct_keywords.pdbx_keywords   'PROTEINASE INHIBITOR' 
_struct_keywords.text            'PROTEINASE INHIBITOR' 
# 
_struct_asym.id                            A 
_struct_asym.pdbx_blank_PDB_chainid_flag   Y 
_struct_asym.pdbx_modified                 N 
_struct_asym.entity_id                     1 
_struct_asym.details                       ? 
# 
_struct_ref.id                         1 
_struct_ref.db_name                    UNP 
_struct_ref.db_code                    IAC2_BOVIN 
_struct_ref.entity_id                  1 
_struct_ref.pdbx_db_accession          P01001 
_struct_ref.pdbx_align_begin           1 
_struct_ref.pdbx_seq_one_letter_code   QGAQVDCAEFKDPKVYCTRESNPHCGSNGETYGNKCAFCKAVMKSGGKINLKHRGKC 
_struct_ref.pdbx_db_isoform            ? 
# 
_struct_ref_seq.align_id                      1 
_struct_ref_seq.ref_id                        1 
_struct_ref_seq.pdbx_PDB_id_code              2BUS 
_struct_ref_seq.pdbx_strand_id                A 
_struct_ref_seq.seq_align_beg                 2 
_struct_ref_seq.pdbx_seq_align_beg_ins_code   ? 
_struct_ref_seq.seq_align_end                 57 
_struct_ref_seq.pdbx_seq_align_end_ins_code   ? 
_struct_ref_seq.pdbx_db_accession             P01001 
_struct_ref_seq.db_align_beg                  2 
_struct_ref_seq.pdbx_db_align_beg_ins_code    ? 
_struct_ref_seq.db_align_end                  57 
_struct_ref_seq.pdbx_db_align_end_ins_code    ? 
_struct_ref_seq.pdbx_auth_seq_align_beg       2 
_struct_ref_seq.pdbx_auth_seq_align_end       57 
# 
_pdbx_struct_assembly.id                   1 
_pdbx_struct_assembly.details              author_defined_assembly 
_pdbx_struct_assembly.method_details       ? 
_pdbx_struct_assembly.oligomeric_details   monomeric 
_pdbx_struct_assembly.oligomeric_count     1 
# 
_pdbx_struct_assembly_gen.assembly_id       1 
_pdbx_struct_assembly_gen.oper_expression   1 
_pdbx_struct_assembly_gen.asym_id_list      A 
# 
_pdbx_struct_oper_list.id                   1 
_pdbx_struct_oper_list.type                 'identity operation' 
_pdbx_struct_oper_list.name                 1_555 
_pdbx_struct_oper_list.symmetry_operation   ? 
_pdbx_struct_oper_list.matrix[1][1]         1.0000000000 
_pdbx_struct_oper_list.matrix[1][2]         0.0000000000 
_pdbx_struct_oper_list.matrix[1][3]         0.0000000000 
_pdbx_struct_oper_list.vector[1]            0.0000000000 
_pdbx_struct_oper_list.matrix[2][1]         0.0000000000 
_pdbx_struct_oper_list.matrix[2][2]         1.0000000000 
_pdbx_struct_oper_list.matrix[2][3]         0.0000000000 
_pdbx_struct_oper_list.vector[2]            0.0000000000 
_pdbx_struct_oper_list.matrix[3][1]         0.0000000000 
_pdbx_struct_oper_list.matrix[3][2]         0.0000000000 
_pdbx_struct_oper_list.matrix[3][3]         1.0000000000 
_pdbx_struct_oper_list.vector[3]            0.0000000000 
# 
_struct_biol.id   1 
# 
_struct_conf.conf_type_id            HELX_P 
_struct_conf.id                      HELX_P1 
_struct_conf.pdbx_PDB_helix_id       H1 
_struct_conf.beg_label_comp_id       ASN 
_struct_conf.beg_label_asym_id       A 
_struct_conf.beg_label_seq_id        34 
_struct_conf.pdbx_beg_PDB_ins_code   ? 
_struct_conf.end_label_comp_id       SER 
_struct_conf.end_label_asym_id       A 
_struct_conf.end_label_seq_id        45 
_struct_conf.pdbx_end_PDB_ins_code   ? 
_struct_conf.beg_auth_comp_id        ASN 
_struct_conf.beg_auth_asym_id        A 
_struct_conf.beg_auth_seq_id         34 
_struct_conf.end_auth_comp_id        SER 
_struct_conf.end_auth_asym_id        A 
_struct_conf.end_auth_seq_id         45 
_struct_conf.pdbx_PDB_helix_class    1 
_struct_conf.details                 'ALPHA HELIX' 
_struct_conf.pdbx_PDB_helix_length   12 
# 
_struct_conf_type.id          HELX_P 
_struct_conf_type.criteria    ? 
_struct_conf_type.reference   ? 
# 
loop_
_struct_conn.id 
_struct_conn.conn_type_id 
_struct_conn.pdbx_leaving_atom_flag 
_struct_conn.pdbx_PDB_id 
_struct_conn.ptnr1_label_asym_id 
_struct_conn.ptnr1_label_comp_id 
_struct_conn.ptnr1_label_seq_id 
_struct_conn.ptnr1_label_atom_id 
_struct_conn.pdbx_ptnr1_label_alt_id 
_struct_conn.pdbx_ptnr1_PDB_ins_code 
_struct_conn.pdbx_ptnr1_standard_comp_id 
_struct_conn.ptnr1_symmetry 
_struct_conn.ptnr2_label_asym_id 
_struct_conn.ptnr2_label_comp_id 
_struct_conn.ptnr2_label_seq_id 
_struct_conn.ptnr2_label_atom_id 
_struct_conn.pdbx_ptnr2_label_alt_id 
_struct_conn.pdbx_ptnr2_PDB_ins_code 
_struct_conn.ptnr1_auth_asym_id 
_struct_conn.ptnr1_auth_comp_id 
_struct_conn.ptnr1_auth_seq_id 
_struct_conn.ptnr2_auth_asym_id 
_struct_conn.ptnr2_auth_comp_id 
_struct_conn.ptnr2_auth_seq_id 
_struct_conn.ptnr2_symmetry 
_struct_conn.pdbx_ptnr3_label_atom_id 
_struct_conn.pdbx_ptnr3_label_seq_id 
_struct_conn.pdbx_ptnr3_label_comp_id 
_struct_conn.pdbx_ptnr3_label_asym_id 
_struct_conn.pdbx_ptnr3_label_alt_id 
_struct_conn.pdbx_ptnr3_PDB_ins_code 
_struct_conn.details 
_struct_conn.pdbx_dist_value 
_struct_conn.pdbx_value_order 
_struct_conn.pdbx_role 
disulf1 disulf ?    ? A CYS 7  SG ? ? ? 1_555 A CYS 39 SG ? ? A CYS 7  A CYS 39 1_555 ? ? ? ? ? ? ? 2.036 ? ? 
disulf2 disulf ?    ? A CYS 17 SG ? ? ? 1_555 A CYS 36 SG ? ? A CYS 17 A CYS 36 1_555 ? ? ? ? ? ? ? 2.075 ? ? 
disulf3 disulf ?    ? A CYS 25 SG ? ? ? 1_555 A CYS 57 SG ? ? A CYS 25 A CYS 57 1_555 ? ? ? ? ? ? ? 1.924 ? ? 
covale1 covale both ? A PCA 1  C  ? ? ? 1_555 A GLY 2  N  ? ? A PCA 1  A GLY 2  1_555 ? ? ? ? ? ? ? 1.324 ? ? 
# 
loop_
_struct_conn_type.id 
_struct_conn_type.criteria 
_struct_conn_type.reference 
disulf ? ? 
covale ? ? 
# 
loop_
_pdbx_modification_feature.ordinal 
_pdbx_modification_feature.label_comp_id 
_pdbx_modification_feature.label_asym_id 
_pdbx_modification_feature.label_seq_id 
_pdbx_modification_feature.label_alt_id 
_pdbx_modification_feature.modified_residue_label_comp_id 
_pdbx_modification_feature.modified_residue_label_asym_id 
_pdbx_modification_feature.modified_residue_label_seq_id 
_pdbx_modification_feature.modified_residue_label_alt_id 
_pdbx_modification_feature.auth_comp_id 
_pdbx_modification_feature.auth_asym_id 
_pdbx_modification_feature.auth_seq_id 
_pdbx_modification_feature.PDB_ins_code 
_pdbx_modification_feature.symmetry 
_pdbx_modification_feature.modified_residue_auth_comp_id 
_pdbx_modification_feature.modified_residue_auth_asym_id 
_pdbx_modification_feature.modified_residue_auth_seq_id 
_pdbx_modification_feature.modified_residue_PDB_ins_code 
_pdbx_modification_feature.modified_residue_symmetry 
_pdbx_modification_feature.comp_id_linking_atom 
_pdbx_modification_feature.modified_residue_id_linking_atom 
_pdbx_modification_feature.modified_residue_id 
_pdbx_modification_feature.ref_pcm_id 
_pdbx_modification_feature.ref_comp_id 
_pdbx_modification_feature.type 
_pdbx_modification_feature.category 
1 PCA A 1  ? .   . .  . PCA A 1  ? 1_555 .   . .  . .     .  .  GLN 1 PCA 'Pyrrolidone carboxylic acid' 
'Named protein modification' 
2 CYS A 7  ? CYS A 39 ? CYS A 7  ? 1_555 CYS A 39 ? 1_555 SG SG .   . .   None                          'Disulfide bridge' 
3 CYS A 17 ? CYS A 36 ? CYS A 17 ? 1_555 CYS A 36 ? 1_555 SG SG .   . .   None                          'Disulfide bridge' 
4 CYS A 25 ? CYS A 57 ? CYS A 25 ? 1_555 CYS A 57 ? 1_555 SG SG .   . .   None                          'Disulfide bridge' 
# 
_struct_mon_prot_cis.pdbx_id                1 
_struct_mon_prot_cis.label_comp_id          ASP 
_struct_mon_prot_cis.label_seq_id           12 
_struct_mon_prot_cis.label_asym_id          A 
_struct_mon_prot_cis.label_alt_id           . 
_struct_mon_prot_cis.pdbx_PDB_ins_code      ? 
_struct_mon_prot_cis.auth_comp_id           ASP 
_struct_mon_prot_cis.auth_seq_id            12 
_struct_mon_prot_cis.auth_asym_id           A 
_struct_mon_prot_cis.pdbx_label_comp_id_2   PRO 
_struct_mon_prot_cis.pdbx_label_seq_id_2    13 
_struct_mon_prot_cis.pdbx_label_asym_id_2   A 
_struct_mon_prot_cis.pdbx_PDB_ins_code_2    ? 
_struct_mon_prot_cis.pdbx_auth_comp_id_2    PRO 
_struct_mon_prot_cis.pdbx_auth_seq_id_2     13 
_struct_mon_prot_cis.pdbx_auth_asym_id_2    A 
_struct_mon_prot_cis.pdbx_PDB_model_num     1 
_struct_mon_prot_cis.pdbx_omega_angle       13.76 
# 
_struct_sheet.id               S1 
_struct_sheet.type             ? 
_struct_sheet.number_strands   3 
_struct_sheet.details          ? 
# 
loop_
_struct_sheet_order.sheet_id 
_struct_sheet_order.range_id_1 
_struct_sheet_order.range_id_2 
_struct_sheet_order.offset 
_struct_sheet_order.sense 
S1 1 2 ? anti-parallel 
S1 2 3 ? anti-parallel 
# 
loop_
_struct_sheet_range.sheet_id 
_struct_sheet_range.id 
_struct_sheet_range.beg_label_comp_id 
_struct_sheet_range.beg_label_asym_id 
_struct_sheet_range.beg_label_seq_id 
_struct_sheet_range.pdbx_beg_PDB_ins_code 
_struct_sheet_range.end_label_comp_id 
_struct_sheet_range.end_label_asym_id 
_struct_sheet_range.end_label_seq_id 
_struct_sheet_range.pdbx_end_PDB_ins_code 
_struct_sheet_range.beg_auth_comp_id 
_struct_sheet_range.beg_auth_asym_id 
_struct_sheet_range.beg_auth_seq_id 
_struct_sheet_range.end_auth_comp_id 
_struct_sheet_range.end_auth_asym_id 
_struct_sheet_range.end_auth_seq_id 
S1 1 GLY A 29 ? GLY A 33 ? GLY A 29 GLY A 33 
S1 2 PRO A 23 ? SER A 27 ? PRO A 23 SER A 27 
S1 3 ASN A 50 ? GLY A 55 ? ASN A 50 GLY A 55 
# 
_pdbx_entry_details.entry_id                   2BUS 
_pdbx_entry_details.compound_details           ? 
_pdbx_entry_details.source_details             ? 
_pdbx_entry_details.nonpolymer_details         ? 
_pdbx_entry_details.sequence_details           ? 
_pdbx_entry_details.has_ligand_of_interest     ? 
_pdbx_entry_details.has_protein_modification   Y 
# 
loop_
_pdbx_validate_torsion.id 
_pdbx_validate_torsion.PDB_model_num 
_pdbx_validate_torsion.auth_comp_id 
_pdbx_validate_torsion.auth_asym_id 
_pdbx_validate_torsion.auth_seq_id 
_pdbx_validate_torsion.PDB_ins_code 
_pdbx_validate_torsion.label_alt_id 
_pdbx_validate_torsion.phi 
_pdbx_validate_torsion.psi 
1  1 ALA A 3  ? ? 67.01   163.67 
2  1 CYS A 7  ? ? -88.77  -72.07 
3  1 LYS A 11 ? ? -88.13  36.14  
4  1 PRO A 13 ? ? -96.54  -74.01 
5  1 ARG A 19 ? ? -164.95 -88.22 
6  1 SER A 21 ? ? -154.98 43.39  
7  1 ASN A 22 ? ? 68.76   137.47 
8  1 ASN A 28 ? ? -165.77 -53.17 
9  1 LYS A 44 ? ? -80.92  -81.35 
10 1 SER A 45 ? ? 7.57    -76.11 
11 1 LYS A 48 ? ? 74.89   95.12  
12 1 LYS A 52 ? ? -143.96 -69.90 
# 
loop_
_pdbx_validate_planes.id 
_pdbx_validate_planes.PDB_model_num 
_pdbx_validate_planes.auth_comp_id 
_pdbx_validate_planes.auth_asym_id 
_pdbx_validate_planes.auth_seq_id 
_pdbx_validate_planes.PDB_ins_code 
_pdbx_validate_planes.label_alt_id 
_pdbx_validate_planes.rmsd 
_pdbx_validate_planes.type 
1 1 ARG A 19 ? ? 0.090 'SIDE CHAIN' 
2 1 HIS A 53 ? ? 0.126 'SIDE CHAIN' 
3 1 ARG A 54 ? ? 0.279 'SIDE CHAIN' 
# 
_pdbx_struct_mod_residue.id               1 
_pdbx_struct_mod_residue.label_asym_id    A 
_pdbx_struct_mod_residue.label_comp_id    PCA 
_pdbx_struct_mod_residue.label_seq_id     1 
_pdbx_struct_mod_residue.auth_asym_id     A 
_pdbx_struct_mod_residue.auth_comp_id     PCA 
_pdbx_struct_mod_residue.auth_seq_id      1 
_pdbx_struct_mod_residue.PDB_ins_code     ? 
_pdbx_struct_mod_residue.parent_comp_id   GLN 
_pdbx_struct_mod_residue.details          'PYROGLUTAMIC ACID' 
# 
_pdbx_nmr_ensemble.entry_id                             2BUS 
_pdbx_nmr_ensemble.conformers_calculated_total_number   ? 
_pdbx_nmr_ensemble.conformers_submitted_total_number    1 
_pdbx_nmr_ensemble.conformer_selection_criteria         ? 
# 
loop_
_chem_comp_atom.comp_id 
_chem_comp_atom.atom_id 
_chem_comp_atom.type_symbol 
_chem_comp_atom.pdbx_aromatic_flag 
_chem_comp_atom.pdbx_stereo_config 
_chem_comp_atom.pdbx_ordinal 
ALA N    N N N 1   
ALA CA   C N S 2   
ALA C    C N N 3   
ALA O    O N N 4   
ALA CB   C N N 5   
ALA OXT  O N N 6   
ALA H    H N N 7   
ALA H2   H N N 8   
ALA HA   H N N 9   
ALA HB1  H N N 10  
ALA HB2  H N N 11  
ALA HB3  H N N 12  
ALA HXT  H N N 13  
ARG N    N N N 14  
ARG CA   C N S 15  
ARG C    C N N 16  
ARG O    O N N 17  
ARG CB   C N N 18  
ARG CG   C N N 19  
ARG CD   C N N 20  
ARG NE   N N N 21  
ARG CZ   C N N 22  
ARG NH1  N N N 23  
ARG NH2  N N N 24  
ARG OXT  O N N 25  
ARG H    H N N 26  
ARG H2   H N N 27  
ARG HA   H N N 28  
ARG HB2  H N N 29  
ARG HB3  H N N 30  
ARG HG2  H N N 31  
ARG HG3  H N N 32  
ARG HD2  H N N 33  
ARG HD3  H N N 34  
ARG HE   H N N 35  
ARG HH11 H N N 36  
ARG HH12 H N N 37  
ARG HH21 H N N 38  
ARG HH22 H N N 39  
ARG HXT  H N N 40  
ASN N    N N N 41  
ASN CA   C N S 42  
ASN C    C N N 43  
ASN O    O N N 44  
ASN CB   C N N 45  
ASN CG   C N N 46  
ASN OD1  O N N 47  
ASN ND2  N N N 48  
ASN OXT  O N N 49  
ASN H    H N N 50  
ASN H2   H N N 51  
ASN HA   H N N 52  
ASN HB2  H N N 53  
ASN HB3  H N N 54  
ASN HD21 H N N 55  
ASN HD22 H N N 56  
ASN HXT  H N N 57  
ASP N    N N N 58  
ASP CA   C N S 59  
ASP C    C N N 60  
ASP O    O N N 61  
ASP CB   C N N 62  
ASP CG   C N N 63  
ASP OD1  O N N 64  
ASP OD2  O N N 65  
ASP OXT  O N N 66  
ASP H    H N N 67  
ASP H2   H N N 68  
ASP HA   H N N 69  
ASP HB2  H N N 70  
ASP HB3  H N N 71  
ASP HD2  H N N 72  
ASP HXT  H N N 73  
CYS N    N N N 74  
CYS CA   C N R 75  
CYS C    C N N 76  
CYS O    O N N 77  
CYS CB   C N N 78  
CYS SG   S N N 79  
CYS OXT  O N N 80  
CYS H    H N N 81  
CYS H2   H N N 82  
CYS HA   H N N 83  
CYS HB2  H N N 84  
CYS HB3  H N N 85  
CYS HG   H N N 86  
CYS HXT  H N N 87  
GLN N    N N N 88  
GLN CA   C N S 89  
GLN C    C N N 90  
GLN O    O N N 91  
GLN CB   C N N 92  
GLN CG   C N N 93  
GLN CD   C N N 94  
GLN OE1  O N N 95  
GLN NE2  N N N 96  
GLN OXT  O N N 97  
GLN H    H N N 98  
GLN H2   H N N 99  
GLN HA   H N N 100 
GLN HB2  H N N 101 
GLN HB3  H N N 102 
GLN HG2  H N N 103 
GLN HG3  H N N 104 
GLN HE21 H N N 105 
GLN HE22 H N N 106 
GLN HXT  H N N 107 
GLU N    N N N 108 
GLU CA   C N S 109 
GLU C    C N N 110 
GLU O    O N N 111 
GLU CB   C N N 112 
GLU CG   C N N 113 
GLU CD   C N N 114 
GLU OE1  O N N 115 
GLU OE2  O N N 116 
GLU OXT  O N N 117 
GLU H    H N N 118 
GLU H2   H N N 119 
GLU HA   H N N 120 
GLU HB2  H N N 121 
GLU HB3  H N N 122 
GLU HG2  H N N 123 
GLU HG3  H N N 124 
GLU HE2  H N N 125 
GLU HXT  H N N 126 
GLY N    N N N 127 
GLY CA   C N N 128 
GLY C    C N N 129 
GLY O    O N N 130 
GLY OXT  O N N 131 
GLY H    H N N 132 
GLY H2   H N N 133 
GLY HA2  H N N 134 
GLY HA3  H N N 135 
GLY HXT  H N N 136 
HIS N    N N N 137 
HIS CA   C N S 138 
HIS C    C N N 139 
HIS O    O N N 140 
HIS CB   C N N 141 
HIS CG   C Y N 142 
HIS ND1  N Y N 143 
HIS CD2  C Y N 144 
HIS CE1  C Y N 145 
HIS NE2  N Y N 146 
HIS OXT  O N N 147 
HIS H    H N N 148 
HIS H2   H N N 149 
HIS HA   H N N 150 
HIS HB2  H N N 151 
HIS HB3  H N N 152 
HIS HD1  H N N 153 
HIS HD2  H N N 154 
HIS HE1  H N N 155 
HIS HE2  H N N 156 
HIS HXT  H N N 157 
ILE N    N N N 158 
ILE CA   C N S 159 
ILE C    C N N 160 
ILE O    O N N 161 
ILE CB   C N S 162 
ILE CG1  C N N 163 
ILE CG2  C N N 164 
ILE CD1  C N N 165 
ILE OXT  O N N 166 
ILE H    H N N 167 
ILE H2   H N N 168 
ILE HA   H N N 169 
ILE HB   H N N 170 
ILE HG12 H N N 171 
ILE HG13 H N N 172 
ILE HG21 H N N 173 
ILE HG22 H N N 174 
ILE HG23 H N N 175 
ILE HD11 H N N 176 
ILE HD12 H N N 177 
ILE HD13 H N N 178 
ILE HXT  H N N 179 
LEU N    N N N 180 
LEU CA   C N S 181 
LEU C    C N N 182 
LEU O    O N N 183 
LEU CB   C N N 184 
LEU CG   C N N 185 
LEU CD1  C N N 186 
LEU CD2  C N N 187 
LEU OXT  O N N 188 
LEU H    H N N 189 
LEU H2   H N N 190 
LEU HA   H N N 191 
LEU HB2  H N N 192 
LEU HB3  H N N 193 
LEU HG   H N N 194 
LEU HD11 H N N 195 
LEU HD12 H N N 196 
LEU HD13 H N N 197 
LEU HD21 H N N 198 
LEU HD22 H N N 199 
LEU HD23 H N N 200 
LEU HXT  H N N 201 
LYS N    N N N 202 
LYS CA   C N S 203 
LYS C    C N N 204 
LYS O    O N N 205 
LYS CB   C N N 206 
LYS CG   C N N 207 
LYS CD   C N N 208 
LYS CE   C N N 209 
LYS NZ   N N N 210 
LYS OXT  O N N 211 
LYS H    H N N 212 
LYS H2   H N N 213 
LYS HA   H N N 214 
LYS HB2  H N N 215 
LYS HB3  H N N 216 
LYS HG2  H N N 217 
LYS HG3  H N N 218 
LYS HD2  H N N 219 
LYS HD3  H N N 220 
LYS HE2  H N N 221 
LYS HE3  H N N 222 
LYS HZ1  H N N 223 
LYS HZ2  H N N 224 
LYS HZ3  H N N 225 
LYS HXT  H N N 226 
MET N    N N N 227 
MET CA   C N S 228 
MET C    C N N 229 
MET O    O N N 230 
MET CB   C N N 231 
MET CG   C N N 232 
MET SD   S N N 233 
MET CE   C N N 234 
MET OXT  O N N 235 
MET H    H N N 236 
MET H2   H N N 237 
MET HA   H N N 238 
MET HB2  H N N 239 
MET HB3  H N N 240 
MET HG2  H N N 241 
MET HG3  H N N 242 
MET HE1  H N N 243 
MET HE2  H N N 244 
MET HE3  H N N 245 
MET HXT  H N N 246 
PCA N    N N N 247 
PCA CA   C N S 248 
PCA CB   C N N 249 
PCA CG   C N N 250 
PCA CD   C N N 251 
PCA OE   O N N 252 
PCA C    C N N 253 
PCA O    O N N 254 
PCA OXT  O N N 255 
PCA H    H N N 256 
PCA HA   H N N 257 
PCA HB2  H N N 258 
PCA HB3  H N N 259 
PCA HG2  H N N 260 
PCA HG3  H N N 261 
PCA HXT  H N N 262 
PHE N    N N N 263 
PHE CA   C N S 264 
PHE C    C N N 265 
PHE O    O N N 266 
PHE CB   C N N 267 
PHE CG   C Y N 268 
PHE CD1  C Y N 269 
PHE CD2  C Y N 270 
PHE CE1  C Y N 271 
PHE CE2  C Y N 272 
PHE CZ   C Y N 273 
PHE OXT  O N N 274 
PHE H    H N N 275 
PHE H2   H N N 276 
PHE HA   H N N 277 
PHE HB2  H N N 278 
PHE HB3  H N N 279 
PHE HD1  H N N 280 
PHE HD2  H N N 281 
PHE HE1  H N N 282 
PHE HE2  H N N 283 
PHE HZ   H N N 284 
PHE HXT  H N N 285 
PRO N    N N N 286 
PRO CA   C N S 287 
PRO C    C N N 288 
PRO O    O N N 289 
PRO CB   C N N 290 
PRO CG   C N N 291 
PRO CD   C N N 292 
PRO OXT  O N N 293 
PRO H    H N N 294 
PRO HA   H N N 295 
PRO HB2  H N N 296 
PRO HB3  H N N 297 
PRO HG2  H N N 298 
PRO HG3  H N N 299 
PRO HD2  H N N 300 
PRO HD3  H N N 301 
PRO HXT  H N N 302 
SER N    N N N 303 
SER CA   C N S 304 
SER C    C N N 305 
SER O    O N N 306 
SER CB   C N N 307 
SER OG   O N N 308 
SER OXT  O N N 309 
SER H    H N N 310 
SER H2   H N N 311 
SER HA   H N N 312 
SER HB2  H N N 313 
SER HB3  H N N 314 
SER HG   H N N 315 
SER HXT  H N N 316 
THR N    N N N 317 
THR CA   C N S 318 
THR C    C N N 319 
THR O    O N N 320 
THR CB   C N R 321 
THR OG1  O N N 322 
THR CG2  C N N 323 
THR OXT  O N N 324 
THR H    H N N 325 
THR H2   H N N 326 
THR HA   H N N 327 
THR HB   H N N 328 
THR HG1  H N N 329 
THR HG21 H N N 330 
THR HG22 H N N 331 
THR HG23 H N N 332 
THR HXT  H N N 333 
TYR N    N N N 334 
TYR CA   C N S 335 
TYR C    C N N 336 
TYR O    O N N 337 
TYR CB   C N N 338 
TYR CG   C Y N 339 
TYR CD1  C Y N 340 
TYR CD2  C Y N 341 
TYR CE1  C Y N 342 
TYR CE2  C Y N 343 
TYR CZ   C Y N 344 
TYR OH   O N N 345 
TYR OXT  O N N 346 
TYR H    H N N 347 
TYR H2   H N N 348 
TYR HA   H N N 349 
TYR HB2  H N N 350 
TYR HB3  H N N 351 
TYR HD1  H N N 352 
TYR HD2  H N N 353 
TYR HE1  H N N 354 
TYR HE2  H N N 355 
TYR HH   H N N 356 
TYR HXT  H N N 357 
VAL N    N N N 358 
VAL CA   C N S 359 
VAL C    C N N 360 
VAL O    O N N 361 
VAL CB   C N N 362 
VAL CG1  C N N 363 
VAL CG2  C N N 364 
VAL OXT  O N N 365 
VAL H    H N N 366 
VAL H2   H N N 367 
VAL HA   H N N 368 
VAL HB   H N N 369 
VAL HG11 H N N 370 
VAL HG12 H N N 371 
VAL HG13 H N N 372 
VAL HG21 H N N 373 
VAL HG22 H N N 374 
VAL HG23 H N N 375 
VAL HXT  H N N 376 
# 
loop_
_chem_comp_bond.comp_id 
_chem_comp_bond.atom_id_1 
_chem_comp_bond.atom_id_2 
_chem_comp_bond.value_order 
_chem_comp_bond.pdbx_aromatic_flag 
_chem_comp_bond.pdbx_stereo_config 
_chem_comp_bond.pdbx_ordinal 
ALA N   CA   sing N N 1   
ALA N   H    sing N N 2   
ALA N   H2   sing N N 3   
ALA CA  C    sing N N 4   
ALA CA  CB   sing N N 5   
ALA CA  HA   sing N N 6   
ALA C   O    doub N N 7   
ALA C   OXT  sing N N 8   
ALA CB  HB1  sing N N 9   
ALA CB  HB2  sing N N 10  
ALA CB  HB3  sing N N 11  
ALA OXT HXT  sing N N 12  
ARG N   CA   sing N N 13  
ARG N   H    sing N N 14  
ARG N   H2   sing N N 15  
ARG CA  C    sing N N 16  
ARG CA  CB   sing N N 17  
ARG CA  HA   sing N N 18  
ARG C   O    doub N N 19  
ARG C   OXT  sing N N 20  
ARG CB  CG   sing N N 21  
ARG CB  HB2  sing N N 22  
ARG CB  HB3  sing N N 23  
ARG CG  CD   sing N N 24  
ARG CG  HG2  sing N N 25  
ARG CG  HG3  sing N N 26  
ARG CD  NE   sing N N 27  
ARG CD  HD2  sing N N 28  
ARG CD  HD3  sing N N 29  
ARG NE  CZ   sing N N 30  
ARG NE  HE   sing N N 31  
ARG CZ  NH1  sing N N 32  
ARG CZ  NH2  doub N N 33  
ARG NH1 HH11 sing N N 34  
ARG NH1 HH12 sing N N 35  
ARG NH2 HH21 sing N N 36  
ARG NH2 HH22 sing N N 37  
ARG OXT HXT  sing N N 38  
ASN N   CA   sing N N 39  
ASN N   H    sing N N 40  
ASN N   H2   sing N N 41  
ASN CA  C    sing N N 42  
ASN CA  CB   sing N N 43  
ASN CA  HA   sing N N 44  
ASN C   O    doub N N 45  
ASN C   OXT  sing N N 46  
ASN CB  CG   sing N N 47  
ASN CB  HB2  sing N N 48  
ASN CB  HB3  sing N N 49  
ASN CG  OD1  doub N N 50  
ASN CG  ND2  sing N N 51  
ASN ND2 HD21 sing N N 52  
ASN ND2 HD22 sing N N 53  
ASN OXT HXT  sing N N 54  
ASP N   CA   sing N N 55  
ASP N   H    sing N N 56  
ASP N   H2   sing N N 57  
ASP CA  C    sing N N 58  
ASP CA  CB   sing N N 59  
ASP CA  HA   sing N N 60  
ASP C   O    doub N N 61  
ASP C   OXT  sing N N 62  
ASP CB  CG   sing N N 63  
ASP CB  HB2  sing N N 64  
ASP CB  HB3  sing N N 65  
ASP CG  OD1  doub N N 66  
ASP CG  OD2  sing N N 67  
ASP OD2 HD2  sing N N 68  
ASP OXT HXT  sing N N 69  
CYS N   CA   sing N N 70  
CYS N   H    sing N N 71  
CYS N   H2   sing N N 72  
CYS CA  C    sing N N 73  
CYS CA  CB   sing N N 74  
CYS CA  HA   sing N N 75  
CYS C   O    doub N N 76  
CYS C   OXT  sing N N 77  
CYS CB  SG   sing N N 78  
CYS CB  HB2  sing N N 79  
CYS CB  HB3  sing N N 80  
CYS SG  HG   sing N N 81  
CYS OXT HXT  sing N N 82  
GLN N   CA   sing N N 83  
GLN N   H    sing N N 84  
GLN N   H2   sing N N 85  
GLN CA  C    sing N N 86  
GLN CA  CB   sing N N 87  
GLN CA  HA   sing N N 88  
GLN C   O    doub N N 89  
GLN C   OXT  sing N N 90  
GLN CB  CG   sing N N 91  
GLN CB  HB2  sing N N 92  
GLN CB  HB3  sing N N 93  
GLN CG  CD   sing N N 94  
GLN CG  HG2  sing N N 95  
GLN CG  HG3  sing N N 96  
GLN CD  OE1  doub N N 97  
GLN CD  NE2  sing N N 98  
GLN NE2 HE21 sing N N 99  
GLN NE2 HE22 sing N N 100 
GLN OXT HXT  sing N N 101 
GLU N   CA   sing N N 102 
GLU N   H    sing N N 103 
GLU N   H2   sing N N 104 
GLU CA  C    sing N N 105 
GLU CA  CB   sing N N 106 
GLU CA  HA   sing N N 107 
GLU C   O    doub N N 108 
GLU C   OXT  sing N N 109 
GLU CB  CG   sing N N 110 
GLU CB  HB2  sing N N 111 
GLU CB  HB3  sing N N 112 
GLU CG  CD   sing N N 113 
GLU CG  HG2  sing N N 114 
GLU CG  HG3  sing N N 115 
GLU CD  OE1  doub N N 116 
GLU CD  OE2  sing N N 117 
GLU OE2 HE2  sing N N 118 
GLU OXT HXT  sing N N 119 
GLY N   CA   sing N N 120 
GLY N   H    sing N N 121 
GLY N   H2   sing N N 122 
GLY CA  C    sing N N 123 
GLY CA  HA2  sing N N 124 
GLY CA  HA3  sing N N 125 
GLY C   O    doub N N 126 
GLY C   OXT  sing N N 127 
GLY OXT HXT  sing N N 128 
HIS N   CA   sing N N 129 
HIS N   H    sing N N 130 
HIS N   H2   sing N N 131 
HIS CA  C    sing N N 132 
HIS CA  CB   sing N N 133 
HIS CA  HA   sing N N 134 
HIS C   O    doub N N 135 
HIS C   OXT  sing N N 136 
HIS CB  CG   sing N N 137 
HIS CB  HB2  sing N N 138 
HIS CB  HB3  sing N N 139 
HIS CG  ND1  sing Y N 140 
HIS CG  CD2  doub Y N 141 
HIS ND1 CE1  doub Y N 142 
HIS ND1 HD1  sing N N 143 
HIS CD2 NE2  sing Y N 144 
HIS CD2 HD2  sing N N 145 
HIS CE1 NE2  sing Y N 146 
HIS CE1 HE1  sing N N 147 
HIS NE2 HE2  sing N N 148 
HIS OXT HXT  sing N N 149 
ILE N   CA   sing N N 150 
ILE N   H    sing N N 151 
ILE N   H2   sing N N 152 
ILE CA  C    sing N N 153 
ILE CA  CB   sing N N 154 
ILE CA  HA   sing N N 155 
ILE C   O    doub N N 156 
ILE C   OXT  sing N N 157 
ILE CB  CG1  sing N N 158 
ILE CB  CG2  sing N N 159 
ILE CB  HB   sing N N 160 
ILE CG1 CD1  sing N N 161 
ILE CG1 HG12 sing N N 162 
ILE CG1 HG13 sing N N 163 
ILE CG2 HG21 sing N N 164 
ILE CG2 HG22 sing N N 165 
ILE CG2 HG23 sing N N 166 
ILE CD1 HD11 sing N N 167 
ILE CD1 HD12 sing N N 168 
ILE CD1 HD13 sing N N 169 
ILE OXT HXT  sing N N 170 
LEU N   CA   sing N N 171 
LEU N   H    sing N N 172 
LEU N   H2   sing N N 173 
LEU CA  C    sing N N 174 
LEU CA  CB   sing N N 175 
LEU CA  HA   sing N N 176 
LEU C   O    doub N N 177 
LEU C   OXT  sing N N 178 
LEU CB  CG   sing N N 179 
LEU CB  HB2  sing N N 180 
LEU CB  HB3  sing N N 181 
LEU CG  CD1  sing N N 182 
LEU CG  CD2  sing N N 183 
LEU CG  HG   sing N N 184 
LEU CD1 HD11 sing N N 185 
LEU CD1 HD12 sing N N 186 
LEU CD1 HD13 sing N N 187 
LEU CD2 HD21 sing N N 188 
LEU CD2 HD22 sing N N 189 
LEU CD2 HD23 sing N N 190 
LEU OXT HXT  sing N N 191 
LYS N   CA   sing N N 192 
LYS N   H    sing N N 193 
LYS N   H2   sing N N 194 
LYS CA  C    sing N N 195 
LYS CA  CB   sing N N 196 
LYS CA  HA   sing N N 197 
LYS C   O    doub N N 198 
LYS C   OXT  sing N N 199 
LYS CB  CG   sing N N 200 
LYS CB  HB2  sing N N 201 
LYS CB  HB3  sing N N 202 
LYS CG  CD   sing N N 203 
LYS CG  HG2  sing N N 204 
LYS CG  HG3  sing N N 205 
LYS CD  CE   sing N N 206 
LYS CD  HD2  sing N N 207 
LYS CD  HD3  sing N N 208 
LYS CE  NZ   sing N N 209 
LYS CE  HE2  sing N N 210 
LYS CE  HE3  sing N N 211 
LYS NZ  HZ1  sing N N 212 
LYS NZ  HZ2  sing N N 213 
LYS NZ  HZ3  sing N N 214 
LYS OXT HXT  sing N N 215 
MET N   CA   sing N N 216 
MET N   H    sing N N 217 
MET N   H2   sing N N 218 
MET CA  C    sing N N 219 
MET CA  CB   sing N N 220 
MET CA  HA   sing N N 221 
MET C   O    doub N N 222 
MET C   OXT  sing N N 223 
MET CB  CG   sing N N 224 
MET CB  HB2  sing N N 225 
MET CB  HB3  sing N N 226 
MET CG  SD   sing N N 227 
MET CG  HG2  sing N N 228 
MET CG  HG3  sing N N 229 
MET SD  CE   sing N N 230 
MET CE  HE1  sing N N 231 
MET CE  HE2  sing N N 232 
MET CE  HE3  sing N N 233 
MET OXT HXT  sing N N 234 
PCA N   CA   sing N N 235 
PCA N   CD   sing N N 236 
PCA N   H    sing N N 237 
PCA CA  CB   sing N N 238 
PCA CA  C    sing N N 239 
PCA CA  HA   sing N N 240 
PCA CB  CG   sing N N 241 
PCA CB  HB2  sing N N 242 
PCA CB  HB3  sing N N 243 
PCA CG  CD   sing N N 244 
PCA CG  HG2  sing N N 245 
PCA CG  HG3  sing N N 246 
PCA CD  OE   doub N N 247 
PCA C   O    doub N N 248 
PCA C   OXT  sing N N 249 
PCA OXT HXT  sing N N 250 
PHE N   CA   sing N N 251 
PHE N   H    sing N N 252 
PHE N   H2   sing N N 253 
PHE CA  C    sing N N 254 
PHE CA  CB   sing N N 255 
PHE CA  HA   sing N N 256 
PHE C   O    doub N N 257 
PHE C   OXT  sing N N 258 
PHE CB  CG   sing N N 259 
PHE CB  HB2  sing N N 260 
PHE CB  HB3  sing N N 261 
PHE CG  CD1  doub Y N 262 
PHE CG  CD2  sing Y N 263 
PHE CD1 CE1  sing Y N 264 
PHE CD1 HD1  sing N N 265 
PHE CD2 CE2  doub Y N 266 
PHE CD2 HD2  sing N N 267 
PHE CE1 CZ   doub Y N 268 
PHE CE1 HE1  sing N N 269 
PHE CE2 CZ   sing Y N 270 
PHE CE2 HE2  sing N N 271 
PHE CZ  HZ   sing N N 272 
PHE OXT HXT  sing N N 273 
PRO N   CA   sing N N 274 
PRO N   CD   sing N N 275 
PRO N   H    sing N N 276 
PRO CA  C    sing N N 277 
PRO CA  CB   sing N N 278 
PRO CA  HA   sing N N 279 
PRO C   O    doub N N 280 
PRO C   OXT  sing N N 281 
PRO CB  CG   sing N N 282 
PRO CB  HB2  sing N N 283 
PRO CB  HB3  sing N N 284 
PRO CG  CD   sing N N 285 
PRO CG  HG2  sing N N 286 
PRO CG  HG3  sing N N 287 
PRO CD  HD2  sing N N 288 
PRO CD  HD3  sing N N 289 
PRO OXT HXT  sing N N 290 
SER N   CA   sing N N 291 
SER N   H    sing N N 292 
SER N   H2   sing N N 293 
SER CA  C    sing N N 294 
SER CA  CB   sing N N 295 
SER CA  HA   sing N N 296 
SER C   O    doub N N 297 
SER C   OXT  sing N N 298 
SER CB  OG   sing N N 299 
SER CB  HB2  sing N N 300 
SER CB  HB3  sing N N 301 
SER OG  HG   sing N N 302 
SER OXT HXT  sing N N 303 
THR N   CA   sing N N 304 
THR N   H    sing N N 305 
THR N   H2   sing N N 306 
THR CA  C    sing N N 307 
THR CA  CB   sing N N 308 
THR CA  HA   sing N N 309 
THR C   O    doub N N 310 
THR C   OXT  sing N N 311 
THR CB  OG1  sing N N 312 
THR CB  CG2  sing N N 313 
THR CB  HB   sing N N 314 
THR OG1 HG1  sing N N 315 
THR CG2 HG21 sing N N 316 
THR CG2 HG22 sing N N 317 
THR CG2 HG23 sing N N 318 
THR OXT HXT  sing N N 319 
TYR N   CA   sing N N 320 
TYR N   H    sing N N 321 
TYR N   H2   sing N N 322 
TYR CA  C    sing N N 323 
TYR CA  CB   sing N N 324 
TYR CA  HA   sing N N 325 
TYR C   O    doub N N 326 
TYR C   OXT  sing N N 327 
TYR CB  CG   sing N N 328 
TYR CB  HB2  sing N N 329 
TYR CB  HB3  sing N N 330 
TYR CG  CD1  doub Y N 331 
TYR CG  CD2  sing Y N 332 
TYR CD1 CE1  sing Y N 333 
TYR CD1 HD1  sing N N 334 
TYR CD2 CE2  doub Y N 335 
TYR CD2 HD2  sing N N 336 
TYR CE1 CZ   doub Y N 337 
TYR CE1 HE1  sing N N 338 
TYR CE2 CZ   sing Y N 339 
TYR CE2 HE2  sing N N 340 
TYR CZ  OH   sing N N 341 
TYR OH  HH   sing N N 342 
TYR OXT HXT  sing N N 343 
VAL N   CA   sing N N 344 
VAL N   H    sing N N 345 
VAL N   H2   sing N N 346 
VAL CA  C    sing N N 347 
VAL CA  CB   sing N N 348 
VAL CA  HA   sing N N 349 
VAL C   O    doub N N 350 
VAL C   OXT  sing N N 351 
VAL CB  CG1  sing N N 352 
VAL CB  CG2  sing N N 353 
VAL CB  HB   sing N N 354 
VAL CG1 HG11 sing N N 355 
VAL CG1 HG12 sing N N 356 
VAL CG1 HG13 sing N N 357 
VAL CG2 HG21 sing N N 358 
VAL CG2 HG22 sing N N 359 
VAL CG2 HG23 sing N N 360 
VAL OXT HXT  sing N N 361 
# 
_atom_sites.entry_id                    2BUS 
_atom_sites.fract_transf_matrix[1][1]   1.000000 
_atom_sites.fract_transf_matrix[1][2]   0.000000 
_atom_sites.fract_transf_matrix[1][3]   0.000000 
_atom_sites.fract_transf_matrix[2][1]   0.000000 
_atom_sites.fract_transf_matrix[2][2]   1.000000 
_atom_sites.fract_transf_matrix[2][3]   0.000000 
_atom_sites.fract_transf_matrix[3][1]   0.000000 
_atom_sites.fract_transf_matrix[3][2]   0.000000 
_atom_sites.fract_transf_matrix[3][3]   1.000000 
_atom_sites.fract_transf_vector[1]      0.00000 
_atom_sites.fract_transf_vector[2]      0.00000 
_atom_sites.fract_transf_vector[3]      0.00000 
# 
_atom_sites_footnote.id     1 
_atom_sites_footnote.text   'RESIDUE PRO 13 IS A CIS PROLINE.' 
# 
loop_
_atom_type.symbol 
C 
H 
N 
O 
S 
# 
loop_
_atom_site.group_PDB 
_atom_site.id 
_atom_site.type_symbol 
_atom_site.label_atom_id 
_atom_site.label_alt_id 
_atom_site.label_comp_id 
_atom_site.label_asym_id 
_atom_site.label_entity_id 
_atom_site.label_seq_id 
_atom_site.pdbx_PDB_ins_code 
_atom_site.Cartn_x 
_atom_site.Cartn_y 
_atom_site.Cartn_z 
_atom_site.occupancy 
_atom_site.B_iso_or_equiv 
_atom_site.pdbx_formal_charge 
_atom_site.auth_seq_id 
_atom_site.auth_comp_id 
_atom_site.auth_asym_id 
_atom_site.auth_atom_id 
_atom_site.pdbx_PDB_model_num 
HETATM 1   N N    . PCA A 1 1  ? 9.103   -4.451  -17.711 1.00 0.00 ? 1  PCA A N    1 
HETATM 2   C CA   . PCA A 1 1  ? 8.601   -4.699  -16.364 1.00 0.00 ? 1  PCA A CA   1 
HETATM 3   C CB   . PCA A 1 1  ? 8.616   -3.324  -15.693 1.00 0.00 ? 1  PCA A CB   1 
HETATM 4   C CG   . PCA A 1 1  ? 9.744   -2.619  -16.487 1.00 0.00 ? 1  PCA A CG   1 
HETATM 5   C CD   . PCA A 1 1  ? 9.655   -3.217  -17.847 1.00 0.00 ? 1  PCA A CD   1 
HETATM 6   O OE   . PCA A 1 1  ? 9.979   -2.689  -18.908 1.00 0.00 ? 1  PCA A OE   1 
HETATM 7   C C    . PCA A 1 1  ? 7.234   -5.391  -16.389 1.00 0.00 ? 1  PCA A C    1 
HETATM 8   O O    . PCA A 1 1  ? 7.031   -6.421  -15.746 1.00 0.00 ? 1  PCA A O    1 
HETATM 9   H H    . PCA A 1 1  ? 9.063   -5.096  -18.470 1.00 0.00 ? 1  PCA A H    1 
HETATM 10  H HA   . PCA A 1 1  ? 9.226   -5.341  -15.902 1.00 0.00 ? 1  PCA A HA   1 
HETATM 11  H HB2  . PCA A 1 1  ? 7.698   -2.748  -15.769 1.00 0.00 ? 1  PCA A HB2  1 
HETATM 12  H HB3  . PCA A 1 1  ? 8.881   -3.399  -14.639 1.00 0.00 ? 1  PCA A HB3  1 
HETATM 13  H HG2  . PCA A 1 1  ? 9.601   -1.544  -16.507 1.00 0.00 ? 1  PCA A HG2  1 
HETATM 14  H HG3  . PCA A 1 1  ? 10.716  -2.793  -16.031 1.00 0.00 ? 1  PCA A HG3  1 
ATOM   15  N N    . GLY A 1 2  ? 6.325   -4.796  -17.145 1.00 0.00 ? 2  GLY A N    1 
ATOM   16  C CA   . GLY A 1 2  ? 4.970   -5.307  -17.253 1.00 0.00 ? 2  GLY A CA   1 
ATOM   17  C C    . GLY A 1 2  ? 4.111   -4.962  -16.039 1.00 0.00 ? 2  GLY A C    1 
ATOM   18  O O    . GLY A 1 2  ? 3.480   -5.847  -15.464 1.00 0.00 ? 2  GLY A O    1 
ATOM   19  H H    . GLY A 1 2  ? 6.494   -3.972  -17.686 1.00 0.00 ? 2  GLY A H    1 
ATOM   20  H HA2  . GLY A 1 2  ? 4.504   -4.887  -18.148 1.00 0.00 ? 2  GLY A HA2  1 
ATOM   21  H HA3  . GLY A 1 2  ? 5.000   -6.394  -17.377 1.00 0.00 ? 2  GLY A HA3  1 
ATOM   22  N N    . ALA A 1 3  ? 4.102   -3.693  -15.675 1.00 0.00 ? 3  ALA A N    1 
ATOM   23  C CA   . ALA A 1 3  ? 3.377   -3.159  -14.548 1.00 0.00 ? 3  ALA A CA   1 
ATOM   24  C C    . ALA A 1 3  ? 3.849   -3.601  -13.151 1.00 0.00 ? 3  ALA A C    1 
ATOM   25  O O    . ALA A 1 3  ? 4.576   -4.569  -12.967 1.00 0.00 ? 3  ALA A O    1 
ATOM   26  C CB   . ALA A 1 3  ? 1.849   -3.288  -14.720 1.00 0.00 ? 3  ALA A CB   1 
ATOM   27  H H    . ALA A 1 3  ? 4.615   -2.981  -16.172 1.00 0.00 ? 3  ALA A H    1 
ATOM   28  H HA   . ALA A 1 3  ? 3.569   -2.062  -14.577 1.00 0.00 ? 3  ALA A HA   1 
ATOM   29  H HB1  . ALA A 1 3  ? 1.584   -3.160  -15.766 1.00 0.00 ? 3  ALA A HB1  1 
ATOM   30  H HB2  . ALA A 1 3  ? 1.533   -4.274  -14.385 1.00 0.00 ? 3  ALA A HB2  1 
ATOM   31  H HB3  . ALA A 1 3  ? 1.355   -2.526  -14.123 1.00 0.00 ? 3  ALA A HB3  1 
ATOM   32  N N    . GLN A 1 4  ? 3.385   -2.830  -12.170 1.00 0.00 ? 4  GLN A N    1 
ATOM   33  C CA   . GLN A 1 4  ? 3.652   -3.004  -10.761 1.00 0.00 ? 4  GLN A CA   1 
ATOM   34  C C    . GLN A 1 4  ? 2.354   -2.897  -9.936  1.00 0.00 ? 4  GLN A C    1 
ATOM   35  O O    . GLN A 1 4  ? 1.261   -2.712  -10.474 1.00 0.00 ? 4  GLN A O    1 
ATOM   36  C CB   . GLN A 1 4  ? 4.781   -2.052  -10.335 1.00 0.00 ? 4  GLN A CB   1 
ATOM   37  C CG   . GLN A 1 4  ? 4.432   -0.586  -10.110 1.00 0.00 ? 4  GLN A CG   1 
ATOM   38  C CD   . GLN A 1 4  ? 4.067   0.161   -11.400 1.00 0.00 ? 4  GLN A CD   1 
ATOM   39  O OE1  . GLN A 1 4  ? 4.616   -0.064  -12.466 1.00 0.00 ? 4  GLN A OE1  1 
ATOM   40  N NE2  . GLN A 1 4  ? 3.105   1.067   -11.257 1.00 0.00 ? 4  GLN A NE2  1 
ATOM   41  H H    . GLN A 1 4  ? 2.794   -2.032  -12.348 1.00 0.00 ? 4  GLN A H    1 
ATOM   42  H HA   . GLN A 1 4  ? 4.022   -4.015  -10.565 1.00 0.00 ? 4  GLN A HA   1 
ATOM   43  H HB2  . GLN A 1 4  ? 5.219   -2.451  -9.407  1.00 0.00 ? 4  GLN A HB2  1 
ATOM   44  H HB3  . GLN A 1 4  ? 5.572   -2.111  -11.098 1.00 0.00 ? 4  GLN A HB3  1 
ATOM   45  H HG2  . GLN A 1 4  ? 3.663   -0.447  -9.351  1.00 0.00 ? 4  GLN A HG2  1 
ATOM   46  H HG3  . GLN A 1 4  ? 5.327   -0.091  -9.695  1.00 0.00 ? 4  GLN A HG3  1 
ATOM   47  H HE21 . GLN A 1 4  ? 2.394   0.954   -10.563 1.00 0.00 ? 4  GLN A HE21 1 
ATOM   48  H HE22 . GLN A 1 4  ? 3.094   1.871   -11.850 1.00 0.00 ? 4  GLN A HE22 1 
ATOM   49  N N    . VAL A 1 5  ? 2.507   -3.021  -8.626  1.00 0.00 ? 5  VAL A N    1 
ATOM   50  C CA   . VAL A 1 5  ? 1.383   -2.962  -7.713  1.00 0.00 ? 5  VAL A CA   1 
ATOM   51  C C    . VAL A 1 5  ? 0.958   -1.506  -7.494  1.00 0.00 ? 5  VAL A C    1 
ATOM   52  O O    . VAL A 1 5  ? 1.576   -0.816  -6.687  1.00 0.00 ? 5  VAL A O    1 
ATOM   53  C CB   . VAL A 1 5  ? 1.758   -3.664  -6.404  1.00 0.00 ? 5  VAL A CB   1 
ATOM   54  C CG1  . VAL A 1 5  ? 0.642   -3.547  -5.362  1.00 0.00 ? 5  VAL A CG1  1 
ATOM   55  C CG2  . VAL A 1 5  ? 2.109   -5.137  -6.625  1.00 0.00 ? 5  VAL A CG2  1 
ATOM   56  H H    . VAL A 1 5  ? 3.386   -3.165  -8.169  1.00 0.00 ? 5  VAL A H    1 
ATOM   57  H HA   . VAL A 1 5  ? 0.548   -3.517  -8.135  1.00 0.00 ? 5  VAL A HA   1 
ATOM   58  H HB   . VAL A 1 5  ? 2.641   -3.165  -6.011  1.00 0.00 ? 5  VAL A HB   1 
ATOM   59  H HG11 . VAL A 1 5  ? -0.314  -3.689  -5.859  1.00 0.00 ? 5  VAL A HG11 1 
ATOM   60  H HG12 . VAL A 1 5  ? 0.782   -4.309  -4.595  1.00 0.00 ? 5  VAL A HG12 1 
ATOM   61  H HG13 . VAL A 1 5  ? 0.658   -2.560  -4.897  1.00 0.00 ? 5  VAL A HG13 1 
ATOM   62  H HG21 . VAL A 1 5  ? 1.284   -5.642  -7.129  1.00 0.00 ? 5  VAL A HG21 1 
ATOM   63  H HG22 . VAL A 1 5  ? 3.015   -5.227  -7.224  1.00 0.00 ? 5  VAL A HG22 1 
ATOM   64  H HG23 . VAL A 1 5  ? 2.285   -5.615  -5.661  1.00 0.00 ? 5  VAL A HG23 1 
ATOM   65  N N    . ASP A 1 6  ? -0.075  -1.093  -8.214  1.00 0.00 ? 6  ASP A N    1 
ATOM   66  C CA   . ASP A 1 6  ? -0.638  0.227   -8.118  1.00 0.00 ? 6  ASP A CA   1 
ATOM   67  C C    . ASP A 1 6  ? -1.812  0.282   -7.130  1.00 0.00 ? 6  ASP A C    1 
ATOM   68  O O    . ASP A 1 6  ? -2.522  -0.700  -6.941  1.00 0.00 ? 6  ASP A O    1 
ATOM   69  C CB   . ASP A 1 6  ? -1.227  0.712   -9.461  1.00 0.00 ? 6  ASP A CB   1 
ATOM   70  C CG   . ASP A 1 6  ? -0.263  1.521   -10.323 1.00 0.00 ? 6  ASP A CG   1 
ATOM   71  O OD1  . ASP A 1 6  ? 0.168   1.093   -11.403 1.00 0.00 ? 6  ASP A OD1  1 
ATOM   72  O OD2  . ASP A 1 6  ? 0.061   2.674   -9.837  1.00 0.00 ? 6  ASP A OD2  1 
ATOM   73  H H    . ASP A 1 6  ? -0.531  -1.690  -8.883  1.00 0.00 ? 6  ASP A H    1 
ATOM   74  H HA   . ASP A 1 6  ? 0.146   0.930   -7.841  1.00 0.00 ? 6  ASP A HA   1 
ATOM   75  H HB2  . ASP A 1 6  ? -1.618  -0.127  -10.027 1.00 0.00 ? 6  ASP A HB2  1 
ATOM   76  H HB3  . ASP A 1 6  ? -2.084  1.338   -9.211  1.00 0.00 ? 6  ASP A HB3  1 
ATOM   77  H HD2  . ASP A 1 6  ? 1.044   2.705   -9.665  1.00 0.00 ? 6  ASP A HD2  1 
ATOM   78  N N    . CYS A 1 7  ? -1.974  1.456   -6.534  1.00 0.00 ? 7  CYS A N    1 
ATOM   79  C CA   . CYS A 1 7  ? -2.871  1.667   -5.424  1.00 0.00 ? 7  CYS A CA   1 
ATOM   80  C C    . CYS A 1 7  ? -4.287  2.037   -5.853  1.00 0.00 ? 7  CYS A C    1 
ATOM   81  O O    . CYS A 1 7  ? -5.183  1.204   -5.713  1.00 0.00 ? 7  CYS A O    1 
ATOM   82  C CB   . CYS A 1 7  ? -2.349  2.720   -4.422  1.00 0.00 ? 7  CYS A CB   1 
ATOM   83  S SG   . CYS A 1 7  ? -1.691  2.004   -2.879  1.00 0.00 ? 7  CYS A SG   1 
ATOM   84  H H    . CYS A 1 7  ? -1.483  2.287   -6.816  1.00 0.00 ? 7  CYS A H    1 
ATOM   85  H HA   . CYS A 1 7  ? -2.908  0.744   -4.826  1.00 0.00 ? 7  CYS A HA   1 
ATOM   86  H HB2  . CYS A 1 7  ? -1.569  3.312   -4.887  1.00 0.00 ? 7  CYS A HB2  1 
ATOM   87  H HB3  . CYS A 1 7  ? -3.160  3.405   -4.191  1.00 0.00 ? 7  CYS A HB3  1 
ATOM   88  N N    . ALA A 1 8  ? -4.483  3.241   -6.352  1.00 0.00 ? 8  ALA A N    1 
ATOM   89  C CA   . ALA A 1 8  ? -5.765  3.670   -6.864  1.00 0.00 ? 8  ALA A CA   1 
ATOM   90  C C    . ALA A 1 8  ? -6.529  2.711   -7.764  1.00 0.00 ? 8  ALA A C    1 
ATOM   91  O O    . ALA A 1 8  ? -7.762  2.716   -7.714  1.00 0.00 ? 8  ALA A O    1 
ATOM   92  C CB   . ALA A 1 8  ? -5.536  5.014   -7.601  1.00 0.00 ? 8  ALA A CB   1 
ATOM   93  H H    . ALA A 1 8  ? -3.772  3.945   -6.409  1.00 0.00 ? 8  ALA A H    1 
ATOM   94  H HA   . ALA A 1 8  ? -6.407  3.908   -6.004  1.00 0.00 ? 8  ALA A HA   1 
ATOM   95  H HB1  . ALA A 1 8  ? -4.797  4.845   -8.379  1.00 0.00 ? 8  ALA A HB1  1 
ATOM   96  H HB2  . ALA A 1 8  ? -6.465  5.343   -8.049  1.00 0.00 ? 8  ALA A HB2  1 
ATOM   97  H HB3  . ALA A 1 8  ? -5.158  5.750   -6.902  1.00 0.00 ? 8  ALA A HB3  1 
ATOM   98  N N    . GLU A 1 9  ? -5.837  1.921   -8.563  1.00 0.00 ? 9  GLU A N    1 
ATOM   99  C CA   . GLU A 1 9  ? -6.404  0.873   -9.379  1.00 0.00 ? 9  GLU A CA   1 
ATOM   100 C C    . GLU A 1 9  ? -7.414  -0.137  -8.856  1.00 0.00 ? 9  GLU A C    1 
ATOM   101 O O    . GLU A 1 9  ? -8.220  -0.585  -9.685  1.00 0.00 ? 9  GLU A O    1 
ATOM   102 C CB   . GLU A 1 9  ? -5.259  0.084   -10.087 1.00 0.00 ? 9  GLU A CB   1 
ATOM   103 C CG   . GLU A 1 9  ? -4.873  0.696   -11.426 1.00 0.00 ? 9  GLU A CG   1 
ATOM   104 C CD   . GLU A 1 9  ? -4.014  1.959   -11.304 1.00 0.00 ? 9  GLU A CD   1 
ATOM   105 O OE1  . GLU A 1 9  ? -3.985  2.647   -10.277 1.00 0.00 ? 9  GLU A OE1  1 
ATOM   106 O OE2  . GLU A 1 9  ? -3.331  2.231   -12.367 1.00 0.00 ? 9  GLU A OE2  1 
ATOM   107 H H    . GLU A 1 9  ? -4.839  2.009   -8.672  1.00 0.00 ? 9  GLU A H    1 
ATOM   108 H HA   . GLU A 1 9  ? -6.912  1.439   -10.199 1.00 0.00 ? 9  GLU A HA   1 
ATOM   109 H HB2  . GLU A 1 9  ? -4.411  -0.022  -9.424  1.00 0.00 ? 9  GLU A HB2  1 
ATOM   110 H HB3  . GLU A 1 9  ? -5.633  -0.926  -10.259 1.00 0.00 ? 9  GLU A HB3  1 
ATOM   111 H HG2  . GLU A 1 9  ? -4.305  -0.044  -12.003 1.00 0.00 ? 9  GLU A HG2  1 
ATOM   112 H HG3  . GLU A 1 9  ? -5.758  0.922   -12.026 1.00 0.00 ? 9  GLU A HG3  1 
ATOM   113 H HE2  . GLU A 1 9  ? -3.940  2.238   -13.163 1.00 0.00 ? 9  GLU A HE2  1 
ATOM   114 N N    . PHE A 1 10 ? -7.394  -0.479  -7.581  1.00 0.00 ? 10 PHE A N    1 
ATOM   115 C CA   . PHE A 1 10 ? -8.464  -1.214  -6.928  1.00 0.00 ? 10 PHE A CA   1 
ATOM   116 C C    . PHE A 1 10 ? -9.499  -0.461  -6.109  1.00 0.00 ? 10 PHE A C    1 
ATOM   117 O O    . PHE A 1 10 ? -10.135 -1.045  -5.219  1.00 0.00 ? 10 PHE A O    1 
ATOM   118 C CB   . PHE A 1 10 ? -7.723  -2.311  -6.113  1.00 0.00 ? 10 PHE A CB   1 
ATOM   119 C CG   . PHE A 1 10 ? -7.113  -2.094  -4.728  1.00 0.00 ? 10 PHE A CG   1 
ATOM   120 C CD1  . PHE A 1 10 ? -6.943  -0.860  -4.182  1.00 0.00 ? 10 PHE A CD1  1 
ATOM   121 C CD2  . PHE A 1 10 ? -6.720  -3.180  -3.998  1.00 0.00 ? 10 PHE A CD2  1 
ATOM   122 C CE1  . PHE A 1 10 ? -6.374  -0.695  -2.885  1.00 0.00 ? 10 PHE A CE1  1 
ATOM   123 C CE2  . PHE A 1 10 ? -6.149  -3.022  -2.696  1.00 0.00 ? 10 PHE A CE2  1 
ATOM   124 C CZ   . PHE A 1 10 ? -5.993  -1.781  -2.176  1.00 0.00 ? 10 PHE A CZ   1 
ATOM   125 H H    . PHE A 1 10 ? -6.613  -0.246  -6.997  1.00 0.00 ? 10 PHE A H    1 
ATOM   126 H HA   . PHE A 1 10 ? -9.037  -1.767  -7.702  1.00 0.00 ? 10 PHE A HA   1 
ATOM   127 H HB2  . PHE A 1 10 ? -8.434  -3.149  -6.028  1.00 0.00 ? 10 PHE A HB2  1 
ATOM   128 H HB3  . PHE A 1 10 ? -6.910  -2.664  -6.767  1.00 0.00 ? 10 PHE A HB3  1 
ATOM   129 H HD1  . PHE A 1 10 ? -7.239  0.047   -4.716  1.00 0.00 ? 10 PHE A HD1  1 
ATOM   130 H HD2  . PHE A 1 10 ? -6.817  -4.209  -4.353  1.00 0.00 ? 10 PHE A HD2  1 
ATOM   131 H HE1  . PHE A 1 10 ? -6.259  0.316   -2.493  1.00 0.00 ? 10 PHE A HE1  1 
ATOM   132 H HE2  . PHE A 1 10 ? -5.836  -3.889  -2.117  1.00 0.00 ? 10 PHE A HE2  1 
ATOM   133 H HZ   . PHE A 1 10 ? -5.557  -1.661  -1.187  1.00 0.00 ? 10 PHE A HZ   1 
ATOM   134 N N    . LYS A 1 11 ? -9.690  0.821   -6.378  1.00 0.00 ? 11 LYS A N    1 
ATOM   135 C CA   . LYS A 1 11 ? -10.691 1.665   -5.764  1.00 0.00 ? 11 LYS A CA   1 
ATOM   136 C C    . LYS A 1 11 ? -12.056 1.679   -6.441  1.00 0.00 ? 11 LYS A C    1 
ATOM   137 O O    . LYS A 1 11 ? -12.700 2.736   -6.474  1.00 0.00 ? 11 LYS A O    1 
ATOM   138 C CB   . LYS A 1 11 ? -10.048 3.072   -5.624  1.00 0.00 ? 11 LYS A CB   1 
ATOM   139 C CG   . LYS A 1 11 ? -10.645 3.838   -4.452  1.00 0.00 ? 11 LYS A CG   1 
ATOM   140 C CD   . LYS A 1 11 ? -9.919  3.525   -3.142  1.00 0.00 ? 11 LYS A CD   1 
ATOM   141 C CE   . LYS A 1 11 ? -10.598 4.230   -1.966  1.00 0.00 ? 11 LYS A CE   1 
ATOM   142 N NZ   . LYS A 1 11 ? -9.660  4.390   -0.834  1.00 0.00 ? 11 LYS A NZ   1 
ATOM   143 H H    . LYS A 1 11 ? -9.142  1.327   -7.047  1.00 0.00 ? 11 LYS A H    1 
ATOM   144 H HA   . LYS A 1 11 ? -10.855 1.374   -4.721  1.00 0.00 ? 11 LYS A HA   1 
ATOM   145 H HB2  . LYS A 1 11 ? -8.984  2.924   -5.452  1.00 0.00 ? 11 LYS A HB2  1 
ATOM   146 H HB3  . LYS A 1 11 ? -10.130 3.618   -6.556  1.00 0.00 ? 11 LYS A HB3  1 
ATOM   147 H HG2  . LYS A 1 11 ? -10.593 4.915   -4.632  1.00 0.00 ? 11 LYS A HG2  1 
ATOM   148 H HG3  . LYS A 1 11 ? -11.698 3.573   -4.339  1.00 0.00 ? 11 LYS A HG3  1 
ATOM   149 H HD2  . LYS A 1 11 ? -9.895  2.448   -2.979  1.00 0.00 ? 11 LYS A HD2  1 
ATOM   150 H HD3  . LYS A 1 11 ? -8.883  3.850   -3.228  1.00 0.00 ? 11 LYS A HD3  1 
ATOM   151 H HE2  . LYS A 1 11 ? -10.940 5.215   -2.286  1.00 0.00 ? 11 LYS A HE2  1 
ATOM   152 H HE3  . LYS A 1 11 ? -11.473 3.660   -1.656  1.00 0.00 ? 11 LYS A HE3  1 
ATOM   153 H HZ1  . LYS A 1 11 ? -9.580  3.549   -0.273  1.00 0.00 ? 11 LYS A HZ1  1 
ATOM   154 H HZ2  . LYS A 1 11 ? -9.953  5.125   -0.199  1.00 0.00 ? 11 LYS A HZ2  1 
ATOM   155 N N    . ASP A 1 12 ? -12.477 0.545   -6.961  1.00 0.00 ? 12 ASP A N    1 
ATOM   156 C CA   . ASP A 1 12 ? -13.813 0.374   -7.535  1.00 0.00 ? 12 ASP A CA   1 
ATOM   157 C C    . ASP A 1 12 ? -14.949 0.761   -6.606  1.00 0.00 ? 12 ASP A C    1 
ATOM   158 O O    . ASP A 1 12 ? -15.752 1.617   -7.026  1.00 0.00 ? 12 ASP A O    1 
ATOM   159 C CB   . ASP A 1 12 ? -14.047 -0.965  -8.267  1.00 0.00 ? 12 ASP A CB   1 
ATOM   160 C CG   . ASP A 1 12 ? -14.044 -0.903  -9.795  1.00 0.00 ? 12 ASP A CG   1 
ATOM   161 O OD1  . ASP A 1 12 ? -15.105 -0.931  -10.435 1.00 0.00 ? 12 ASP A OD1  1 
ATOM   162 O OD2  . ASP A 1 12 ? -12.878 -0.823  -10.342 1.00 0.00 ? 12 ASP A OD2  1 
ATOM   163 H H    . ASP A 1 12 ? -11.929 -0.287  -6.997  1.00 0.00 ? 12 ASP A H    1 
ATOM   164 H HA   . ASP A 1 12 ? -13.767 1.120   -8.382  1.00 0.00 ? 12 ASP A HA   1 
ATOM   165 H HB2  . ASP A 1 12 ? -13.314 -1.693  -7.926  1.00 0.00 ? 12 ASP A HB2  1 
ATOM   166 H HB3  . ASP A 1 12 ? -15.025 -1.336  -7.950  1.00 0.00 ? 12 ASP A HB3  1 
ATOM   167 H HD2  . ASP A 1 12 ? -12.399 -1.698  -10.265 1.00 0.00 ? 12 ASP A HD2  1 
ATOM   168 N N    . PRO A 1 13 ? -15.073 0.200   -5.377  1.00 0.00 ? 13 PRO A N    1 
ATOM   169 C CA   . PRO A 1 13 ? -14.077 -0.573  -4.676  1.00 0.00 ? 13 PRO A CA   1 
ATOM   170 C C    . PRO A 1 13 ? -14.121 -2.120  -4.745  1.00 0.00 ? 13 PRO A C    1 
ATOM   171 O O    . PRO A 1 13 ? -13.290 -2.711  -5.432  1.00 0.00 ? 13 PRO A O    1 
ATOM   172 C CB   . PRO A 1 13 ? -14.224 0.031   -3.248  1.00 0.00 ? 13 PRO A CB   1 
ATOM   173 C CG   . PRO A 1 13 ? -15.654 0.517   -3.158  1.00 0.00 ? 13 PRO A CG   1 
ATOM   174 C CD   . PRO A 1 13 ? -16.286 0.302   -4.532  1.00 0.00 ? 13 PRO A CD   1 
ATOM   175 H HA   . PRO A 1 13 ? -13.109 -0.407  -4.912  1.00 0.00 ? 13 PRO A HA   1 
ATOM   176 H HB2  . PRO A 1 13 ? -13.948 -0.634  -2.452  1.00 0.00 ? 13 PRO A HB2  1 
ATOM   177 H HB3  . PRO A 1 13 ? -13.543 0.878   -3.186  1.00 0.00 ? 13 PRO A HB3  1 
ATOM   178 H HG2  . PRO A 1 13 ? -16.211 -0.042  -2.409  1.00 0.00 ? 13 PRO A HG2  1 
ATOM   179 H HG3  . PRO A 1 13 ? -15.701 1.573   -2.902  1.00 0.00 ? 13 PRO A HG3  1 
ATOM   180 H HD2  . PRO A 1 13 ? -16.871 -0.606  -4.571  1.00 0.00 ? 13 PRO A HD2  1 
ATOM   181 H HD3  . PRO A 1 13 ? -16.948 1.120   -4.770  1.00 0.00 ? 13 PRO A HD3  1 
ATOM   182 N N    . LYS A 1 14 ? -15.062 -2.719  -4.046  1.00 0.00 ? 14 LYS A N    1 
ATOM   183 C CA   . LYS A 1 14 ? -15.117 -4.151  -3.765  1.00 0.00 ? 14 LYS A CA   1 
ATOM   184 C C    . LYS A 1 14 ? -13.913 -4.758  -3.047  1.00 0.00 ? 14 LYS A C    1 
ATOM   185 O O    . LYS A 1 14 ? -13.581 -5.931  -3.241  1.00 0.00 ? 14 LYS A O    1 
ATOM   186 C CB   . LYS A 1 14 ? -15.623 -4.862  -5.035  1.00 0.00 ? 14 LYS A CB   1 
ATOM   187 C CG   . LYS A 1 14 ? -16.957 -5.569  -4.776  1.00 0.00 ? 14 LYS A CG   1 
ATOM   188 C CD   . LYS A 1 14 ? -16.817 -6.819  -3.908  1.00 0.00 ? 14 LYS A CD   1 
ATOM   189 C CE   . LYS A 1 14 ? -17.602 -6.692  -2.599  1.00 0.00 ? 14 LYS A CE   1 
ATOM   190 N NZ   . LYS A 1 14 ? -17.184 -7.720  -1.621  1.00 0.00 ? 14 LYS A NZ   1 
ATOM   191 H H    . LYS A 1 14 ? -15.842 -2.242  -3.634  1.00 0.00 ? 14 LYS A H    1 
ATOM   192 H HA   . LYS A 1 14 ? -15.965 -4.258  -3.052  1.00 0.00 ? 14 LYS A HA   1 
ATOM   193 H HB2  . LYS A 1 14 ? -15.801 -4.089  -5.792  1.00 0.00 ? 14 LYS A HB2  1 
ATOM   194 H HB3  . LYS A 1 14 ? -14.895 -5.534  -5.466  1.00 0.00 ? 14 LYS A HB3  1 
ATOM   195 H HG2  . LYS A 1 14 ? -17.664 -4.879  -4.308  1.00 0.00 ? 14 LYS A HG2  1 
ATOM   196 H HG3  . LYS A 1 14 ? -17.405 -5.857  -5.731  1.00 0.00 ? 14 LYS A HG3  1 
ATOM   197 H HD2  . LYS A 1 14 ? -17.208 -7.677  -4.460  1.00 0.00 ? 14 LYS A HD2  1 
ATOM   198 H HD3  . LYS A 1 14 ? -15.768 -7.039  -3.708  1.00 0.00 ? 14 LYS A HD3  1 
ATOM   199 H HE2  . LYS A 1 14 ? -17.475 -5.698  -2.169  1.00 0.00 ? 14 LYS A HE2  1 
ATOM   200 H HE3  . LYS A 1 14 ? -18.667 -6.800  -2.808  1.00 0.00 ? 14 LYS A HE3  1 
ATOM   201 H HZ1  . LYS A 1 14 ? -17.657 -8.604  -1.762  1.00 0.00 ? 14 LYS A HZ1  1 
ATOM   202 H HZ2  . LYS A 1 14 ? -17.384 -7.447  -0.667  1.00 0.00 ? 14 LYS A HZ2  1 
ATOM   203 N N    . VAL A 1 15 ? -13.252 -3.960  -2.212  1.00 0.00 ? 15 VAL A N    1 
ATOM   204 C CA   . VAL A 1 15 ? -12.131 -4.373  -1.406  1.00 0.00 ? 15 VAL A CA   1 
ATOM   205 C C    . VAL A 1 15 ? -12.250 -3.699  -0.026  1.00 0.00 ? 15 VAL A C    1 
ATOM   206 O O    . VAL A 1 15 ? -12.254 -2.468  0.065   1.00 0.00 ? 15 VAL A O    1 
ATOM   207 C CB   . VAL A 1 15 ? -10.796 -3.967  -2.045  1.00 0.00 ? 15 VAL A CB   1 
ATOM   208 C CG1  . VAL A 1 15 ? -9.618  -4.240  -1.102  1.00 0.00 ? 15 VAL A CG1  1 
ATOM   209 C CG2  . VAL A 1 15 ? -10.526 -4.614  -3.399  1.00 0.00 ? 15 VAL A CG2  1 
ATOM   210 H H    . VAL A 1 15 ? -13.482 -2.994  -2.078  1.00 0.00 ? 15 VAL A H    1 
ATOM   211 H HA   . VAL A 1 15 ? -12.113 -5.440  -1.245  1.00 0.00 ? 15 VAL A HA   1 
ATOM   212 H HB   . VAL A 1 15 ? -10.839 -2.887  -2.208  1.00 0.00 ? 15 VAL A HB   1 
ATOM   213 H HG11 . VAL A 1 15 ? -9.750  -5.201  -0.609  1.00 0.00 ? 15 VAL A HG11 1 
ATOM   214 H HG12 . VAL A 1 15 ? -8.694  -4.270  -1.678  1.00 0.00 ? 15 VAL A HG12 1 
ATOM   215 H HG13 . VAL A 1 15 ? -9.538  -3.441  -0.367  1.00 0.00 ? 15 VAL A HG13 1 
ATOM   216 H HG21 . VAL A 1 15 ? -10.579 -5.703  -3.326  1.00 0.00 ? 15 VAL A HG21 1 
ATOM   217 H HG22 . VAL A 1 15 ? -11.284 -4.281  -4.111  1.00 0.00 ? 15 VAL A HG22 1 
ATOM   218 H HG23 . VAL A 1 15 ? -9.545  -4.308  -3.768  1.00 0.00 ? 15 VAL A HG23 1 
ATOM   219 N N    . TYR A 1 16 ? -12.343 -4.528  1.001   1.00 0.00 ? 16 TYR A N    1 
ATOM   220 C CA   . TYR A 1 16 ? -12.629 -4.043  2.334   1.00 0.00 ? 16 TYR A CA   1 
ATOM   221 C C    . TYR A 1 16 ? -11.384 -3.364  2.926   1.00 0.00 ? 16 TYR A C    1 
ATOM   222 O O    . TYR A 1 16 ? -10.280 -3.902  2.855   1.00 0.00 ? 16 TYR A O    1 
ATOM   223 C CB   . TYR A 1 16 ? -13.016 -5.242  3.197   1.00 0.00 ? 16 TYR A CB   1 
ATOM   224 C CG   . TYR A 1 16 ? -13.620 -4.798  4.539   1.00 0.00 ? 16 TYR A CG   1 
ATOM   225 C CD1  . TYR A 1 16 ? -14.906 -4.292  4.590   1.00 0.00 ? 16 TYR A CD1  1 
ATOM   226 C CD2  . TYR A 1 16 ? -12.887 -4.894  5.707   1.00 0.00 ? 16 TYR A CD2  1 
ATOM   227 C CE1  . TYR A 1 16 ? -15.479 -3.869  5.846   1.00 0.00 ? 16 TYR A CE1  1 
ATOM   228 C CE2  . TYR A 1 16 ? -13.457 -4.474  6.965   1.00 0.00 ? 16 TYR A CE2  1 
ATOM   229 C CZ   . TYR A 1 16 ? -14.724 -3.984  6.968   1.00 0.00 ? 16 TYR A CZ   1 
ATOM   230 O OH   . TYR A 1 16 ? -15.264 -3.585  8.154   1.00 0.00 ? 16 TYR A OH   1 
ATOM   231 H H    . TYR A 1 16 ? -12.223 -5.519  0.936   1.00 0.00 ? 16 TYR A H    1 
ATOM   232 H HA   . TYR A 1 16 ? -13.420 -3.293  2.289   1.00 0.00 ? 16 TYR A HA   1 
ATOM   233 H HB2  . TYR A 1 16 ? -13.748 -5.854  2.678   1.00 0.00 ? 16 TYR A HB2  1 
ATOM   234 H HB3  . TYR A 1 16 ? -12.150 -5.870  3.376   1.00 0.00 ? 16 TYR A HB3  1 
ATOM   235 H HD1  . TYR A 1 16 ? -15.527 -4.191  3.698   1.00 0.00 ? 16 TYR A HD1  1 
ATOM   236 H HD2  . TYR A 1 16 ? -11.868 -5.286  5.723   1.00 0.00 ? 16 TYR A HD2  1 
ATOM   237 H HE1  . TYR A 1 16 ? -16.494 -3.474  5.867   1.00 0.00 ? 16 TYR A HE1  1 
ATOM   238 H HE2  . TYR A 1 16 ? -12.867 -4.557  7.875   1.00 0.00 ? 16 TYR A HE2  1 
ATOM   239 H HH   . TYR A 1 16 ? -15.319 -4.373  8.767   1.00 0.00 ? 16 TYR A HH   1 
ATOM   240 N N    . CYS A 1 17 ? -11.612 -2.190  3.495   1.00 0.00 ? 17 CYS A N    1 
ATOM   241 C CA   . CYS A 1 17 ? -10.562 -1.416  4.110   1.00 0.00 ? 17 CYS A CA   1 
ATOM   242 C C    . CYS A 1 17 ? -10.434 -1.710  5.608   1.00 0.00 ? 17 CYS A C    1 
ATOM   243 O O    . CYS A 1 17 ? -11.377 -2.179  6.232   1.00 0.00 ? 17 CYS A O    1 
ATOM   244 C CB   . CYS A 1 17 ? -10.812 0.089   3.897   1.00 0.00 ? 17 CYS A CB   1 
ATOM   245 S SG   . CYS A 1 17 ? -10.488 0.704   2.208   1.00 0.00 ? 17 CYS A SG   1 
ATOM   246 H H    . CYS A 1 17 ? -12.517 -1.759  3.538   1.00 0.00 ? 17 CYS A H    1 
ATOM   247 H HA   . CYS A 1 17 ? -9.623  -1.624  3.596   1.00 0.00 ? 17 CYS A HA   1 
ATOM   248 H HB2  . CYS A 1 17 ? -11.838 0.316   4.179   1.00 0.00 ? 17 CYS A HB2  1 
ATOM   249 H HB3  . CYS A 1 17 ? -10.180 0.636   4.597   1.00 0.00 ? 17 CYS A HB3  1 
ATOM   250 N N    . THR A 1 18 ? -9.261  -1.409  6.129   1.00 0.00 ? 18 THR A N    1 
ATOM   251 C CA   . THR A 1 18 ? -8.930  -1.415  7.542   1.00 0.00 ? 18 THR A CA   1 
ATOM   252 C C    . THR A 1 18 ? -9.303  -2.647  8.388   1.00 0.00 ? 18 THR A C    1 
ATOM   253 O O    . THR A 1 18 ? -10.003 -2.549  9.391   1.00 0.00 ? 18 THR A O    1 
ATOM   254 C CB   . THR A 1 18 ? -9.222  -0.024  8.152   1.00 0.00 ? 18 THR A CB   1 
ATOM   255 O OG1  . THR A 1 18 ? -8.706  -0.105  9.483   1.00 0.00 ? 18 THR A OG1  1 
ATOM   256 C CG2  . THR A 1 18 ? -10.667 0.415   8.304   1.00 0.00 ? 18 THR A CG2  1 
ATOM   257 H H    . THR A 1 18 ? -8.466  -1.135  5.565   1.00 0.00 ? 18 THR A H    1 
ATOM   258 H HA   . THR A 1 18 ? -7.802  -1.470  7.555   1.00 0.00 ? 18 THR A HA   1 
ATOM   259 H HB   . THR A 1 18 ? -8.676  0.717   7.555   1.00 0.00 ? 18 THR A HB   1 
ATOM   260 H HG1  . THR A 1 18 ? -8.885  0.742   9.979   1.00 0.00 ? 18 THR A HG1  1 
ATOM   261 H HG21 . THR A 1 18 ? -11.166 0.469   7.330   1.00 0.00 ? 18 THR A HG21 1 
ATOM   262 H HG22 . THR A 1 18 ? -11.231 -0.239  8.974   1.00 0.00 ? 18 THR A HG22 1 
ATOM   263 H HG23 . THR A 1 18 ? -10.682 1.427   8.734   1.00 0.00 ? 18 THR A HG23 1 
ATOM   264 N N    . ARG A 1 19 ? -8.807  -3.790  7.933   1.00 0.00 ? 19 ARG A N    1 
ATOM   265 C CA   . ARG A 1 19 ? -8.683  -4.978  8.774   1.00 0.00 ? 19 ARG A CA   1 
ATOM   266 C C    . ARG A 1 19 ? -7.746  -6.003  8.099   1.00 0.00 ? 19 ARG A C    1 
ATOM   267 O O    . ARG A 1 19 ? -6.551  -5.950  8.387   1.00 0.00 ? 19 ARG A O    1 
ATOM   268 C CB   . ARG A 1 19 ? -9.992  -5.588  9.244   1.00 0.00 ? 19 ARG A CB   1 
ATOM   269 C CG   . ARG A 1 19 ? -9.849  -6.813  10.156  1.00 0.00 ? 19 ARG A CG   1 
ATOM   270 C CD   . ARG A 1 19 ? -9.003  -6.622  11.415  1.00 0.00 ? 19 ARG A CD   1 
ATOM   271 N NE   . ARG A 1 19 ? -9.313  -5.364  12.123  1.00 0.00 ? 19 ARG A NE   1 
ATOM   272 C CZ   . ARG A 1 19 ? -8.365  -4.608  12.722  1.00 0.00 ? 19 ARG A CZ   1 
ATOM   273 N NH1  . ARG A 1 19 ? -7.150  -5.113  13.017  1.00 0.00 ? 19 ARG A NH1  1 
ATOM   274 N NH2  . ARG A 1 19 ? -8.628  -3.348  13.026  1.00 0.00 ? 19 ARG A NH2  1 
ATOM   275 H H    . ARG A 1 19 ? -8.474  -3.922  6.998   1.00 0.00 ? 19 ARG A H    1 
ATOM   276 H HA   . ARG A 1 19 ? -8.139  -4.568  9.650   1.00 0.00 ? 19 ARG A HA   1 
ATOM   277 H HB2  . ARG A 1 19 ? -10.603 -4.849  9.783   1.00 0.00 ? 19 ARG A HB2  1 
ATOM   278 H HB3  . ARG A 1 19 ? -10.603 -5.863  8.369   1.00 0.00 ? 19 ARG A HB3  1 
ATOM   279 H HG2  . ARG A 1 19 ? -10.852 -7.132  10.465  1.00 0.00 ? 19 ARG A HG2  1 
ATOM   280 H HG3  . ARG A 1 19 ? -9.411  -7.638  9.587   1.00 0.00 ? 19 ARG A HG3  1 
ATOM   281 H HD2  . ARG A 1 19 ? -9.168  -7.465  12.094  1.00 0.00 ? 19 ARG A HD2  1 
ATOM   282 H HD3  . ARG A 1 19 ? -7.945  -6.664  11.135  1.00 0.00 ? 19 ARG A HD3  1 
ATOM   283 H HE   . ARG A 1 19 ? -10.260 -5.047  12.171  1.00 0.00 ? 19 ARG A HE   1 
ATOM   284 H HH11 . ARG A 1 19 ? -7.002  -6.102  13.085  1.00 0.00 ? 19 ARG A HH11 1 
ATOM   285 H HH12 . ARG A 1 19 ? -6.381  -4.495  13.168  1.00 0.00 ? 19 ARG A HH12 1 
ATOM   286 H HH21 . ARG A 1 19 ? -7.911  -2.672  13.197  1.00 0.00 ? 19 ARG A HH21 1 
ATOM   287 N N    . GLU A 1 20 ? -8.287  -6.870  7.257   1.00 0.00 ? 20 GLU A N    1 
ATOM   288 C CA   . GLU A 1 20 ? -7.557  -7.903  6.578   1.00 0.00 ? 20 GLU A CA   1 
ATOM   289 C C    . GLU A 1 20 ? -7.146  -7.536  5.135   1.00 0.00 ? 20 GLU A C    1 
ATOM   290 O O    . GLU A 1 20 ? -7.950  -7.633  4.207   1.00 0.00 ? 20 GLU A O    1 
ATOM   291 C CB   . GLU A 1 20 ? -8.257  -9.274  6.518   1.00 0.00 ? 20 GLU A CB   1 
ATOM   292 C CG   . GLU A 1 20 ? -9.784  -9.344  6.513   1.00 0.00 ? 20 GLU A CG   1 
ATOM   293 C CD   . GLU A 1 20 ? -10.517 -8.548  5.430   1.00 0.00 ? 20 GLU A CD   1 
ATOM   294 O OE1  . GLU A 1 20 ? -10.515 -7.302  5.495   1.00 0.00 ? 20 GLU A OE1  1 
ATOM   295 O OE2  . GLU A 1 20 ? -11.093 -9.239  4.509   1.00 0.00 ? 20 GLU A OE2  1 
ATOM   296 H H    . GLU A 1 20 ? -9.273  -6.853  7.048   1.00 0.00 ? 20 GLU A H    1 
ATOM   297 H HA   . GLU A 1 20 ? -6.613  -8.087  7.106   1.00 0.00 ? 20 GLU A HA   1 
ATOM   298 H HB2  . GLU A 1 20 ? -7.885  -9.835  5.647   1.00 0.00 ? 20 GLU A HB2  1 
ATOM   299 H HB3  . GLU A 1 20 ? -7.899  -9.855  7.385   1.00 0.00 ? 20 GLU A HB3  1 
ATOM   300 H HG2  . GLU A 1 20 ? -10.061 -10.408 6.368   1.00 0.00 ? 20 GLU A HG2  1 
ATOM   301 H HG3  . GLU A 1 20 ? -10.178 -9.101  7.507   1.00 0.00 ? 20 GLU A HG3  1 
ATOM   302 H HE2  . GLU A 1 20 ? -11.381 -8.631  3.767   1.00 0.00 ? 20 GLU A HE2  1 
ATOM   303 N N    . SER A 1 21 ? -5.895  -7.124  4.965   1.00 0.00 ? 21 SER A N    1 
ATOM   304 C CA   . SER A 1 21 ? -5.196  -7.083  3.707   1.00 0.00 ? 21 SER A CA   1 
ATOM   305 C C    . SER A 1 21 ? -3.657  -7.153  3.700   1.00 0.00 ? 21 SER A C    1 
ATOM   306 O O    . SER A 1 21 ? -3.070  -6.376  2.933   1.00 0.00 ? 21 SER A O    1 
ATOM   307 C CB   . SER A 1 21 ? -5.600  -5.891  2.805   1.00 0.00 ? 21 SER A CB   1 
ATOM   308 O OG   . SER A 1 21 ? -6.990  -5.614  2.696   1.00 0.00 ? 21 SER A OG   1 
ATOM   309 H H    . SER A 1 21 ? -5.333  -6.802  5.736   1.00 0.00 ? 21 SER A H    1 
ATOM   310 H HA   . SER A 1 21 ? -5.506  -7.989  3.142   1.00 0.00 ? 21 SER A HA   1 
ATOM   311 H HB2  . SER A 1 21 ? -5.096  -4.985  3.134   1.00 0.00 ? 21 SER A HB2  1 
ATOM   312 H HB3  . SER A 1 21 ? -5.238  -6.114  1.794   1.00 0.00 ? 21 SER A HB3  1 
ATOM   313 H HG   . SER A 1 21 ? -7.401  -6.245  2.037   1.00 0.00 ? 21 SER A HG   1 
ATOM   314 N N    . ASN A 1 22 ? -3.016  -8.001  4.468   1.00 0.00 ? 22 ASN A N    1 
ATOM   315 C CA   . ASN A 1 22 ? -1.588  -8.363  4.422   1.00 0.00 ? 22 ASN A CA   1 
ATOM   316 C C    . ASN A 1 22 ? -0.643  -7.258  4.843   1.00 0.00 ? 22 ASN A C    1 
ATOM   317 O O    . ASN A 1 22 ? -0.825  -6.086  4.461   1.00 0.00 ? 22 ASN A O    1 
ATOM   318 C CB   . ASN A 1 22 ? -1.175  -9.025  3.082   1.00 0.00 ? 22 ASN A CB   1 
ATOM   319 C CG   . ASN A 1 22 ? -0.369  -8.210  2.090   1.00 0.00 ? 22 ASN A CG   1 
ATOM   320 O OD1  . ASN A 1 22 ? 0.839   -8.024  2.137   1.00 0.00 ? 22 ASN A OD1  1 
ATOM   321 N ND2  . ASN A 1 22 ? -1.082  -7.675  1.091   1.00 0.00 ? 22 ASN A ND2  1 
ATOM   322 H H    . ASN A 1 22 ? -3.499  -8.503  5.197   1.00 0.00 ? 22 ASN A H    1 
ATOM   323 H HA   . ASN A 1 22 ? -1.629  -9.236  5.123   1.00 0.00 ? 22 ASN A HA   1 
ATOM   324 H HB2  . ASN A 1 22 ? -0.633  -9.958  3.293   1.00 0.00 ? 22 ASN A HB2  1 
ATOM   325 H HB3  . ASN A 1 22 ? -2.096  -9.355  2.574   1.00 0.00 ? 22 ASN A HB3  1 
ATOM   326 H HD21 . ASN A 1 22 ? -1.573  -8.270  0.458   1.00 0.00 ? 22 ASN A HD21 1 
ATOM   327 H HD22 . ASN A 1 22 ? -1.101  -6.680  1.003   1.00 0.00 ? 22 ASN A HD22 1 
ATOM   328 N N    . PRO A 1 23 ? 0.437   -7.521  5.653   1.00 0.00 ? 23 PRO A N    1 
ATOM   329 C CA   . PRO A 1 23 ? 1.425   -6.524  6.053   1.00 0.00 ? 23 PRO A CA   1 
ATOM   330 C C    . PRO A 1 23 ? 2.598   -6.300  5.089   1.00 0.00 ? 23 PRO A C    1 
ATOM   331 O O    . PRO A 1 23 ? 2.974   -7.242  4.402   1.00 0.00 ? 23 PRO A O    1 
ATOM   332 C CB   . PRO A 1 23 ? 1.831   -7.025  7.447   1.00 0.00 ? 23 PRO A CB   1 
ATOM   333 C CG   . PRO A 1 23 ? 1.740   -8.540  7.374   1.00 0.00 ? 23 PRO A CG   1 
ATOM   334 C CD   . PRO A 1 23 ? 0.759   -8.827  6.240   1.00 0.00 ? 23 PRO A CD   1 
ATOM   335 H HA   . PRO A 1 23 ? 1.000   -5.523  6.186   1.00 0.00 ? 23 PRO A HA   1 
ATOM   336 H HB2  . PRO A 1 23 ? 2.794   -6.679  7.799   1.00 0.00 ? 23 PRO A HB2  1 
ATOM   337 H HB3  . PRO A 1 23 ? 1.099   -6.642  8.167   1.00 0.00 ? 23 PRO A HB3  1 
ATOM   338 H HG2  . PRO A 1 23 ? 2.706   -8.992  7.175   1.00 0.00 ? 23 PRO A HG2  1 
ATOM   339 H HG3  . PRO A 1 23 ? 1.386   -8.960  8.312   1.00 0.00 ? 23 PRO A HG3  1 
ATOM   340 H HD2  . PRO A 1 23 ? 1.179   -9.499  5.499   1.00 0.00 ? 23 PRO A HD2  1 
ATOM   341 H HD3  . PRO A 1 23 ? -0.100  -9.336  6.673   1.00 0.00 ? 23 PRO A HD3  1 
ATOM   342 N N    . HIS A 1 24 ? 3.123   -5.078  5.082   1.00 0.00 ? 24 HIS A N    1 
ATOM   343 C CA   . HIS A 1 24 ? 4.099   -4.708  4.080   1.00 0.00 ? 24 HIS A CA   1 
ATOM   344 C C    . HIS A 1 24 ? 4.911   -3.445  4.416   1.00 0.00 ? 24 HIS A C    1 
ATOM   345 O O    . HIS A 1 24 ? 4.416   -2.484  4.993   1.00 0.00 ? 24 HIS A O    1 
ATOM   346 C CB   . HIS A 1 24 ? 3.488   -4.604  2.673   1.00 0.00 ? 24 HIS A CB   1 
ATOM   347 C CG   . HIS A 1 24 ? 2.080   -4.073  2.614   1.00 0.00 ? 24 HIS A CG   1 
ATOM   348 N ND1  . HIS A 1 24 ? 1.720   -2.837  3.121   1.00 0.00 ? 24 HIS A ND1  1 
ATOM   349 C CD2  . HIS A 1 24 ? 0.938   -4.614  2.106   1.00 0.00 ? 24 HIS A CD2  1 
ATOM   350 C CE1  . HIS A 1 24 ? 0.406   -2.706  3.020   1.00 0.00 ? 24 HIS A CE1  1 
ATOM   351 N NE2  . HIS A 1 24 ? -0.083  -3.886  2.542   1.00 0.00 ? 24 HIS A NE2  1 
ATOM   352 H H    . HIS A 1 24 ? 2.866   -4.386  5.761   1.00 0.00 ? 24 HIS A H    1 
ATOM   353 H HA   . HIS A 1 24 ? 4.844   -5.513  4.019   1.00 0.00 ? 24 HIS A HA   1 
ATOM   354 H HB2  . HIS A 1 24 ? 4.128   -3.938  2.090   1.00 0.00 ? 24 HIS A HB2  1 
ATOM   355 H HB3  . HIS A 1 24 ? 3.535   -5.580  2.189   1.00 0.00 ? 24 HIS A HB3  1 
ATOM   356 H HD1  . HIS A 1 24 ? 2.359   -2.169  3.498   1.00 0.00 ? 24 HIS A HD1  1 
ATOM   357 H HD2  . HIS A 1 24 ? 0.873   -5.491  1.458   1.00 0.00 ? 24 HIS A HD2  1 
ATOM   358 H HE1  . HIS A 1 24 ? -0.161  -1.813  3.278   1.00 0.00 ? 24 HIS A HE1  1 
ATOM   359 N N    . CYS A 1 25 ? 6.183   -3.489  4.025   1.00 0.00 ? 25 CYS A N    1 
ATOM   360 C CA   . CYS A 1 25 ? 7.128   -2.447  4.333   1.00 0.00 ? 25 CYS A CA   1 
ATOM   361 C C    . CYS A 1 25 ? 7.009   -1.373  3.245   1.00 0.00 ? 25 CYS A C    1 
ATOM   362 O O    . CYS A 1 25 ? 7.231   -1.676  2.074   1.00 0.00 ? 25 CYS A O    1 
ATOM   363 C CB   . CYS A 1 25 ? 8.584   -2.946  4.395   1.00 0.00 ? 25 CYS A CB   1 
ATOM   364 S SG   . CYS A 1 25 ? 9.824   -1.611  4.360   1.00 0.00 ? 25 CYS A SG   1 
ATOM   365 H H    . CYS A 1 25 ? 6.569   -4.246  3.491   1.00 0.00 ? 25 CYS A H    1 
ATOM   366 H HA   . CYS A 1 25 ? 6.941   -2.039  5.323   1.00 0.00 ? 25 CYS A HA   1 
ATOM   367 H HB2  . CYS A 1 25 ? 8.693   -3.541  5.295   1.00 0.00 ? 25 CYS A HB2  1 
ATOM   368 H HB3  . CYS A 1 25 ? 8.775   -3.608  3.552   1.00 0.00 ? 25 CYS A HB3  1 
ATOM   369 N N    . GLY A 1 26 ? 6.672   -0.166  3.668   1.00 0.00 ? 26 GLY A N    1 
ATOM   370 C CA   . GLY A 1 26 ? 6.525   0.948   2.750   1.00 0.00 ? 26 GLY A CA   1 
ATOM   371 C C    . GLY A 1 26 ? 7.854   1.715   2.709   1.00 0.00 ? 26 GLY A C    1 
ATOM   372 O O    . GLY A 1 26 ? 8.539   1.711   3.729   1.00 0.00 ? 26 GLY A O    1 
ATOM   373 H H    . GLY A 1 26 ? 6.501   0.053   4.631   1.00 0.00 ? 26 GLY A H    1 
ATOM   374 H HA2  . GLY A 1 26 ? 6.206   0.643   1.761   1.00 0.00 ? 26 GLY A HA2  1 
ATOM   375 H HA3  . GLY A 1 26 ? 5.747   1.615   3.132   1.00 0.00 ? 26 GLY A HA3  1 
ATOM   376 N N    . SER A 1 27 ? 8.157   2.320   1.572   1.00 0.00 ? 27 SER A N    1 
ATOM   377 C CA   . SER A 1 27 ? 9.423   3.002   1.393   1.00 0.00 ? 27 SER A CA   1 
ATOM   378 C C    . SER A 1 27 ? 9.472   4.364   2.094   1.00 0.00 ? 27 SER A C    1 
ATOM   379 O O    . SER A 1 27 ? 9.244   5.394   1.466   1.00 0.00 ? 27 SER A O    1 
ATOM   380 C CB   . SER A 1 27 ? 9.831   3.132   -0.086  1.00 0.00 ? 27 SER A CB   1 
ATOM   381 O OG   . SER A 1 27 ? 8.903   3.805   -0.919  1.00 0.00 ? 27 SER A OG   1 
ATOM   382 H H    . SER A 1 27 ? 7.533   2.330   0.786   1.00 0.00 ? 27 SER A H    1 
ATOM   383 H HA   . SER A 1 27 ? 10.182  2.357   1.849   1.00 0.00 ? 27 SER A HA   1 
ATOM   384 H HB2  . SER A 1 27 ? 10.783  3.671   -0.119  1.00 0.00 ? 27 SER A HB2  1 
ATOM   385 H HB3  . SER A 1 27 ? 10.016  2.132   -0.483  1.00 0.00 ? 27 SER A HB3  1 
ATOM   386 H HG   . SER A 1 27 ? 9.308   3.943   -1.825  1.00 0.00 ? 27 SER A HG   1 
ATOM   387 N N    . ASN A 1 28 ? 9.775   4.332   3.384   1.00 0.00 ? 28 ASN A N    1 
ATOM   388 C CA   . ASN A 1 28 ? 9.979   5.480   4.234   1.00 0.00 ? 28 ASN A CA   1 
ATOM   389 C C    . ASN A 1 28 ? 10.659  4.964   5.533   1.00 0.00 ? 28 ASN A C    1 
ATOM   390 O O    . ASN A 1 28 ? 11.702  5.480   5.921   1.00 0.00 ? 28 ASN A O    1 
ATOM   391 C CB   . ASN A 1 28 ? 8.791   6.320   4.692   1.00 0.00 ? 28 ASN A CB   1 
ATOM   392 C CG   . ASN A 1 28 ? 8.614   7.596   3.861   1.00 0.00 ? 28 ASN A CG   1 
ATOM   393 O OD1  . ASN A 1 28 ? 7.692   7.727   3.070   1.00 0.00 ? 28 ASN A OD1  1 
ATOM   394 N ND2  . ASN A 1 28 ? 9.530   8.534   4.066   1.00 0.00 ? 28 ASN A ND2  1 
ATOM   395 H H    . ASN A 1 28 ? 9.892   3.457   3.872   1.00 0.00 ? 28 ASN A H    1 
ATOM   396 H HA   . ASN A 1 28 ? 10.700  6.104   3.680   1.00 0.00 ? 28 ASN A HA   1 
ATOM   397 H HB2  . ASN A 1 28 ? 7.879   5.723   4.621   1.00 0.00 ? 28 ASN A HB2  1 
ATOM   398 H HB3  . ASN A 1 28 ? 8.899   6.622   5.736   1.00 0.00 ? 28 ASN A HB3  1 
ATOM   399 H HD21 . ASN A 1 28 ? 10.347  8.334   4.603   1.00 0.00 ? 28 ASN A HD21 1 
ATOM   400 H HD22 . ASN A 1 28 ? 9.416   9.454   3.687   1.00 0.00 ? 28 ASN A HD22 1 
ATOM   401 N N    . GLY A 1 29 ? 10.036  3.963   6.151   1.00 0.00 ? 29 GLY A N    1 
ATOM   402 C CA   . GLY A 1 29 ? 10.556  3.376   7.367   1.00 0.00 ? 29 GLY A CA   1 
ATOM   403 C C    . GLY A 1 29 ? 9.459   2.827   8.287   1.00 0.00 ? 29 GLY A C    1 
ATOM   404 O O    . GLY A 1 29 ? 9.442   3.170   9.465   1.00 0.00 ? 29 GLY A O    1 
ATOM   405 H H    . GLY A 1 29 ? 9.182   3.569   5.796   1.00 0.00 ? 29 GLY A H    1 
ATOM   406 H HA2  . GLY A 1 29 ? 11.231  2.556   7.111   1.00 0.00 ? 29 GLY A HA2  1 
ATOM   407 H HA3  . GLY A 1 29 ? 11.134  4.105   7.940   1.00 0.00 ? 29 GLY A HA3  1 
ATOM   408 N N    . GLU A 1 30 ? 8.587   1.998   7.724   1.00 0.00 ? 30 GLU A N    1 
ATOM   409 C CA   . GLU A 1 30 ? 7.453   1.483   8.454   1.00 0.00 ? 30 GLU A CA   1 
ATOM   410 C C    . GLU A 1 30 ? 6.811   0.251   7.804   1.00 0.00 ? 30 GLU A C    1 
ATOM   411 O O    . GLU A 1 30 ? 6.685   0.136   6.582   1.00 0.00 ? 30 GLU A O    1 
ATOM   412 C CB   . GLU A 1 30 ? 6.357   2.537   8.674   1.00 0.00 ? 30 GLU A CB   1 
ATOM   413 C CG   . GLU A 1 30 ? 5.999   2.612   10.160  1.00 0.00 ? 30 GLU A CG   1 
ATOM   414 C CD   . GLU A 1 30 ? 4.789   3.513   10.420  1.00 0.00 ? 30 GLU A CD   1 
ATOM   415 O OE1  . GLU A 1 30 ? 3.791   3.068   11.007  1.00 0.00 ? 30 GLU A OE1  1 
ATOM   416 O OE2  . GLU A 1 30 ? 4.892   4.728   9.997   1.00 0.00 ? 30 GLU A OE2  1 
ATOM   417 H H    . GLU A 1 30 ? 8.690   1.701   6.769   1.00 0.00 ? 30 GLU A H    1 
ATOM   418 H HA   . GLU A 1 30 ? 7.838   1.194   9.436   1.00 0.00 ? 30 GLU A HA   1 
ATOM   419 H HB2  . GLU A 1 30 ? 6.689   3.506   8.309   1.00 0.00 ? 30 GLU A HB2  1 
ATOM   420 H HB3  . GLU A 1 30 ? 5.472   2.278   8.102   1.00 0.00 ? 30 GLU A HB3  1 
ATOM   421 H HG2  . GLU A 1 30 ? 5.773   1.609   10.524  1.00 0.00 ? 30 GLU A HG2  1 
ATOM   422 H HG3  . GLU A 1 30 ? 6.860   2.971   10.734  1.00 0.00 ? 30 GLU A HG3  1 
ATOM   423 H HE2  . GLU A 1 30 ? 4.332   5.335   10.559  1.00 0.00 ? 30 GLU A HE2  1 
ATOM   424 N N    . THR A 1 31 ? 6.406   -0.666  8.670   1.00 0.00 ? 31 THR A N    1 
ATOM   425 C CA   . THR A 1 31 ? 5.662   -1.841  8.266   1.00 0.00 ? 31 THR A CA   1 
ATOM   426 C C    . THR A 1 31 ? 4.167   -1.531  8.331   1.00 0.00 ? 31 THR A C    1 
ATOM   427 O O    . THR A 1 31 ? 3.619   -1.567  9.432   1.00 0.00 ? 31 THR A O    1 
ATOM   428 C CB   . THR A 1 31 ? 6.067   -2.953  9.250   1.00 0.00 ? 31 THR A CB   1 
ATOM   429 O OG1  . THR A 1 31 ? 7.448   -3.170  8.979   1.00 0.00 ? 31 THR A OG1  1 
ATOM   430 C CG2  . THR A 1 31 ? 5.389   -4.290  8.979   1.00 0.00 ? 31 THR A CG2  1 
ATOM   431 H H    . THR A 1 31 ? 6.573   -0.622  9.656   1.00 0.00 ? 31 THR A H    1 
ATOM   432 H HA   . THR A 1 31 ? 5.917   -2.159  7.263   1.00 0.00 ? 31 THR A HA   1 
ATOM   433 H HB   . THR A 1 31 ? 5.884   -2.636  10.276  1.00 0.00 ? 31 THR A HB   1 
ATOM   434 H HG1  . THR A 1 31 ? 7.840   -3.745  9.702   1.00 0.00 ? 31 THR A HG1  1 
ATOM   435 H HG21 . THR A 1 31 ? 5.624   -4.631  7.966   1.00 0.00 ? 31 THR A HG21 1 
ATOM   436 H HG22 . THR A 1 31 ? 5.743   -5.025  9.708   1.00 0.00 ? 31 THR A HG22 1 
ATOM   437 H HG23 . THR A 1 31 ? 4.306   -4.203  9.078   1.00 0.00 ? 31 THR A HG23 1 
ATOM   438 N N    . TYR A 1 32 ? 3.574   -1.237  7.182   1.00 0.00 ? 32 TYR A N    1 
ATOM   439 C CA   . TYR A 1 32 ? 2.176   -0.835  7.136   1.00 0.00 ? 32 TYR A CA   1 
ATOM   440 C C    . TYR A 1 32 ? 1.280   -2.074  7.290   1.00 0.00 ? 32 TYR A C    1 
ATOM   441 O O    . TYR A 1 32 ? 1.567   -3.162  6.785   1.00 0.00 ? 32 TYR A O    1 
ATOM   442 C CB   . TYR A 1 32 ? 1.881   -0.066  5.859   1.00 0.00 ? 32 TYR A CB   1 
ATOM   443 C CG   . TYR A 1 32 ? 2.199   1.444   5.966   1.00 0.00 ? 32 TYR A CG   1 
ATOM   444 C CD1  . TYR A 1 32 ? 3.505   1.888   5.900   1.00 0.00 ? 32 TYR A CD1  1 
ATOM   445 C CD2  . TYR A 1 32 ? 1.185   2.364   6.125   1.00 0.00 ? 32 TYR A CD2  1 
ATOM   446 C CE1  . TYR A 1 32 ? 3.809   3.298   5.996   1.00 0.00 ? 32 TYR A CE1  1 
ATOM   447 C CE2  . TYR A 1 32 ? 1.485   3.773   6.223   1.00 0.00 ? 32 TYR A CE2  1 
ATOM   448 C CZ   . TYR A 1 32 ? 2.780   4.166   6.155   1.00 0.00 ? 32 TYR A CZ   1 
ATOM   449 O OH   . TYR A 1 32 ? 3.066   5.494   6.248   1.00 0.00 ? 32 TYR A OH   1 
ATOM   450 H H    . TYR A 1 32 ? 4.050   -1.281  6.302   1.00 0.00 ? 32 TYR A H    1 
ATOM   451 H HA   . TYR A 1 32 ? 2.002   -0.199  8.017   1.00 0.00 ? 32 TYR A HA   1 
ATOM   452 H HB2  . TYR A 1 32 ? 2.441   -0.435  5.005   1.00 0.00 ? 32 TYR A HB2  1 
ATOM   453 H HB3  . TYR A 1 32 ? 0.821   -0.168  5.618   1.00 0.00 ? 32 TYR A HB3  1 
ATOM   454 H HD1  . TYR A 1 32 ? 4.343   1.206   5.773   1.00 0.00 ? 32 TYR A HD1  1 
ATOM   455 H HD2  . TYR A 1 32 ? 0.136   2.065   6.185   1.00 0.00 ? 32 TYR A HD2  1 
ATOM   456 H HE1  . TYR A 1 32 ? 4.849   3.623   5.943   1.00 0.00 ? 32 TYR A HE1  1 
ATOM   457 H HE2  . TYR A 1 32 ? 0.670   4.487   6.351   1.00 0.00 ? 32 TYR A HE2  1 
ATOM   458 H HH   . TYR A 1 32 ? 3.776   5.724   5.578   1.00 0.00 ? 32 TYR A HH   1 
ATOM   459 N N    . GLY A 1 33 ? 0.188   -1.862  8.007   1.00 0.00 ? 33 GLY A N    1 
ATOM   460 C CA   . GLY A 1 33 ? -0.789  -2.894  8.272   1.00 0.00 ? 33 GLY A CA   1 
ATOM   461 C C    . GLY A 1 33 ? -1.664  -3.449  7.159   1.00 0.00 ? 33 GLY A C    1 
ATOM   462 O O    . GLY A 1 33 ? -1.384  -4.580  6.746   1.00 0.00 ? 33 GLY A O    1 
ATOM   463 H H    . GLY A 1 33 ? -0.044  -0.984  8.437   1.00 0.00 ? 33 GLY A H    1 
ATOM   464 H HA2  . GLY A 1 33 ? -0.257  -3.747  8.744   1.00 0.00 ? 33 GLY A HA2  1 
ATOM   465 H HA3  . GLY A 1 33 ? -1.471  -2.505  9.061   1.00 0.00 ? 33 GLY A HA3  1 
ATOM   466 N N    . ASN A 1 34 ? -2.652  -2.685  6.725   1.00 0.00 ? 34 ASN A N    1 
ATOM   467 C CA   . ASN A 1 34 ? -3.390  -2.949  5.520   1.00 0.00 ? 34 ASN A CA   1 
ATOM   468 C C    . ASN A 1 34 ? -2.982  -2.089  4.308   1.00 0.00 ? 34 ASN A C    1 
ATOM   469 O O    . ASN A 1 34 ? -2.475  -0.979  4.419   1.00 0.00 ? 34 ASN A O    1 
ATOM   470 C CB   . ASN A 1 34 ? -4.893  -2.765  5.804   1.00 0.00 ? 34 ASN A CB   1 
ATOM   471 C CG   . ASN A 1 34 ? -5.209  -2.368  7.247   1.00 0.00 ? 34 ASN A CG   1 
ATOM   472 O OD1  . ASN A 1 34 ? -5.152  -1.203  7.606   1.00 0.00 ? 34 ASN A OD1  1 
ATOM   473 N ND2  . ASN A 1 34 ? -5.540  -3.392  8.039   1.00 0.00 ? 34 ASN A ND2  1 
ATOM   474 H H    . ASN A 1 34 ? -2.941  -1.872  7.243   1.00 0.00 ? 34 ASN A H    1 
ATOM   475 H HA   . ASN A 1 34 ? -3.241  -3.992  5.217   1.00 0.00 ? 34 ASN A HA   1 
ATOM   476 H HB2  . ASN A 1 34 ? -5.348  -2.035  5.135   1.00 0.00 ? 34 ASN A HB2  1 
ATOM   477 H HB3  . ASN A 1 34 ? -5.386  -3.721  5.606   1.00 0.00 ? 34 ASN A HB3  1 
ATOM   478 H HD21 . ASN A 1 34 ? -5.451  -4.331  7.715   1.00 0.00 ? 34 ASN A HD21 1 
ATOM   479 H HD22 . ASN A 1 34 ? -5.881  -3.197  8.959   1.00 0.00 ? 34 ASN A HD22 1 
ATOM   480 N N    . LYS A 1 35 ? -3.225  -2.672  3.133   1.00 0.00 ? 35 LYS A N    1 
ATOM   481 C CA   . LYS A 1 35 ? -3.101  -1.994  1.865   1.00 0.00 ? 35 LYS A CA   1 
ATOM   482 C C    . LYS A 1 35 ? -3.951  -0.738  1.635   1.00 0.00 ? 35 LYS A C    1 
ATOM   483 O O    . LYS A 1 35 ? -3.468  0.133   0.905   1.00 0.00 ? 35 LYS A O    1 
ATOM   484 C CB   . LYS A 1 35 ? -3.199  -2.967  0.668   1.00 0.00 ? 35 LYS A CB   1 
ATOM   485 C CG   . LYS A 1 35 ? -2.268  -2.521  -0.464  1.00 0.00 ? 35 LYS A CG   1 
ATOM   486 C CD   . LYS A 1 35 ? -2.551  -3.308  -1.747  1.00 0.00 ? 35 LYS A CD   1 
ATOM   487 C CE   . LYS A 1 35 ? -2.783  -2.380  -2.940  1.00 0.00 ? 35 LYS A CE   1 
ATOM   488 N NZ   . LYS A 1 35 ? -3.413  -3.136  -4.047  1.00 0.00 ? 35 LYS A NZ   1 
ATOM   489 H H    . LYS A 1 35 ? -3.516  -3.631  3.052   1.00 0.00 ? 35 LYS A H    1 
ATOM   490 H HA   . LYS A 1 35 ? -2.046  -1.646  1.826   1.00 0.00 ? 35 LYS A HA   1 
ATOM   491 H HB2  . LYS A 1 35 ? -2.919  -3.975  0.961   1.00 0.00 ? 35 LYS A HB2  1 
ATOM   492 H HB3  . LYS A 1 35 ? -4.223  -3.015  0.321   1.00 0.00 ? 35 LYS A HB3  1 
ATOM   493 H HG2  . LYS A 1 35 ? -2.378  -1.456  -0.660  1.00 0.00 ? 35 LYS A HG2  1 
ATOM   494 H HG3  . LYS A 1 35 ? -1.233  -2.665  -0.148  1.00 0.00 ? 35 LYS A HG3  1 
ATOM   495 H HD2  . LYS A 1 35 ? -1.708  -3.968  -1.950  1.00 0.00 ? 35 LYS A HD2  1 
ATOM   496 H HD3  . LYS A 1 35 ? -3.425  -3.949  -1.606  1.00 0.00 ? 35 LYS A HD3  1 
ATOM   497 H HE2  . LYS A 1 35 ? -3.424  -1.540  -2.667  1.00 0.00 ? 35 LYS A HE2  1 
ATOM   498 H HE3  . LYS A 1 35 ? -1.845  -1.941  -3.283  1.00 0.00 ? 35 LYS A HE3  1 
ATOM   499 H HZ1  . LYS A 1 35 ? -2.756  -3.739  -4.528  1.00 0.00 ? 35 LYS A HZ1  1 
ATOM   500 H HZ2  . LYS A 1 35 ? -3.810  -2.526  -4.754  1.00 0.00 ? 35 LYS A HZ2  1 
ATOM   501 N N    . CYS A 1 36 ? -5.124  -0.674  2.225   1.00 0.00 ? 36 CYS A N    1 
ATOM   502 C CA   . CYS A 1 36 ? -6.005  0.485   2.120   1.00 0.00 ? 36 CYS A CA   1 
ATOM   503 C C    . CYS A 1 36 ? -5.326  1.650   2.866   1.00 0.00 ? 36 CYS A C    1 
ATOM   504 O O    . CYS A 1 36 ? -5.234  2.736   2.295   1.00 0.00 ? 36 CYS A O    1 
ATOM   505 C CB   . CYS A 1 36 ? -7.422  0.202   2.603   1.00 0.00 ? 36 CYS A CB   1 
ATOM   506 S SG   . CYS A 1 36 ? -8.607  1.572   2.306   1.00 0.00 ? 36 CYS A SG   1 
ATOM   507 H H    . CYS A 1 36 ? -5.509  -1.397  2.794   1.00 0.00 ? 36 CYS A H    1 
ATOM   508 H HA   . CYS A 1 36 ? -6.057  0.721   1.057   1.00 0.00 ? 36 CYS A HA   1 
ATOM   509 H HB2  . CYS A 1 36 ? -7.797  -0.673  2.066   1.00 0.00 ? 36 CYS A HB2  1 
ATOM   510 H HB3  . CYS A 1 36 ? -7.417  -0.047  3.661   1.00 0.00 ? 36 CYS A HB3  1 
ATOM   511 N N    . ALA A 1 37 ? -4.883  1.364   4.072   1.00 0.00 ? 37 ALA A N    1 
ATOM   512 C CA   . ALA A 1 37 ? -4.245  2.337   4.935   1.00 0.00 ? 37 ALA A CA   1 
ATOM   513 C C    . ALA A 1 37 ? -2.946  2.874   4.308   1.00 0.00 ? 37 ALA A C    1 
ATOM   514 O O    . ALA A 1 37 ? -2.775  4.088   4.327   1.00 0.00 ? 37 ALA A O    1 
ATOM   515 C CB   . ALA A 1 37 ? -4.004  1.709   6.309   1.00 0.00 ? 37 ALA A CB   1 
ATOM   516 H H    . ALA A 1 37 ? -4.925  0.460   4.509   1.00 0.00 ? 37 ALA A H    1 
ATOM   517 H HA   . ALA A 1 37 ? -4.941  3.166   5.045   1.00 0.00 ? 37 ALA A HA   1 
ATOM   518 H HB1  . ALA A 1 37 ? -4.952  1.351   6.712   1.00 0.00 ? 37 ALA A HB1  1 
ATOM   519 H HB2  . ALA A 1 37 ? -3.323  0.863   6.207   1.00 0.00 ? 37 ALA A HB2  1 
ATOM   520 H HB3  . ALA A 1 37 ? -3.589  2.451   6.990   1.00 0.00 ? 37 ALA A HB3  1 
ATOM   521 N N    . PHE A 1 38 ? -2.115  1.990   3.789   1.00 0.00 ? 38 PHE A N    1 
ATOM   522 C CA   . PHE A 1 38 ? -0.962  2.363   2.983   1.00 0.00 ? 38 PHE A CA   1 
ATOM   523 C C    . PHE A 1 38 ? -1.360  3.224   1.778   1.00 0.00 ? 38 PHE A C    1 
ATOM   524 O O    . PHE A 1 38 ? -0.657  4.199   1.544   1.00 0.00 ? 38 PHE A O    1 
ATOM   525 C CB   . PHE A 1 38 ? -0.377  1.059   2.442   1.00 0.00 ? 38 PHE A CB   1 
ATOM   526 C CG   . PHE A 1 38 ? 0.735   1.222   1.389   1.00 0.00 ? 38 PHE A CG   1 
ATOM   527 C CD1  . PHE A 1 38 ? 1.991   1.588   1.770   1.00 0.00 ? 38 PHE A CD1  1 
ATOM   528 C CD2  . PHE A 1 38 ? 0.481   1.005   0.069   1.00 0.00 ? 38 PHE A CD2  1 
ATOM   529 C CE1  . PHE A 1 38 ? 3.024   1.739   0.800   1.00 0.00 ? 38 PHE A CE1  1 
ATOM   530 C CE2  . PHE A 1 38 ? 1.512   1.157   -0.903  1.00 0.00 ? 38 PHE A CE2  1 
ATOM   531 C CZ   . PHE A 1 38 ? 2.759   1.519   -0.512  1.00 0.00 ? 38 PHE A CZ   1 
ATOM   532 H H    . PHE A 1 38 ? -2.187  0.998   3.874   1.00 0.00 ? 38 PHE A H    1 
ATOM   533 H HA   . PHE A 1 38 ? -0.284  2.941   3.607   1.00 0.00 ? 38 PHE A HA   1 
ATOM   534 H HB2  . PHE A 1 38 ? 0.043   0.473   3.262   1.00 0.00 ? 38 PHE A HB2  1 
ATOM   535 H HB3  . PHE A 1 38 ? -1.176  0.485   1.987   1.00 0.00 ? 38 PHE A HB3  1 
ATOM   536 H HD1  . PHE A 1 38 ? 2.262   1.779   2.810   1.00 0.00 ? 38 PHE A HD1  1 
ATOM   537 H HD2  . PHE A 1 38 ? -0.504  0.711   -0.296  1.00 0.00 ? 38 PHE A HD2  1 
ATOM   538 H HE1  . PHE A 1 38 ? 4.017   2.034   1.136   1.00 0.00 ? 38 PHE A HE1  1 
ATOM   539 H HE2  . PHE A 1 38 ? 1.283   0.975   -1.953  1.00 0.00 ? 38 PHE A HE2  1 
ATOM   540 H HZ   . PHE A 1 38 ? 3.550   1.636   -1.250  1.00 0.00 ? 38 PHE A HZ   1 
ATOM   541 N N    . CYS A 1 39 ? -2.427  2.850   1.099   1.00 0.00 ? 39 CYS A N    1 
ATOM   542 C CA   . CYS A 1 39 ? -2.902  3.563   -0.081  1.00 0.00 ? 39 CYS A CA   1 
ATOM   543 C C    . CYS A 1 39 ? -3.350  4.983   0.294   1.00 0.00 ? 39 CYS A C    1 
ATOM   544 O O    . CYS A 1 39 ? -2.976  5.904   -0.444  1.00 0.00 ? 39 CYS A O    1 
ATOM   545 C CB   . CYS A 1 39 ? -3.959  2.791   -0.870  1.00 0.00 ? 39 CYS A CB   1 
ATOM   546 S SG   . CYS A 1 39 ? -3.345  1.383   -1.868  1.00 0.00 ? 39 CYS A SG   1 
ATOM   547 H H    . CYS A 1 39 ? -2.996  2.061   1.336   1.00 0.00 ? 39 CYS A H    1 
ATOM   548 H HA   . CYS A 1 39 ? -2.025  3.635   -0.736  1.00 0.00 ? 39 CYS A HA   1 
ATOM   549 H HB2  . CYS A 1 39 ? -4.721  2.411   -0.187  1.00 0.00 ? 39 CYS A HB2  1 
ATOM   550 H HB3  . CYS A 1 39 ? -4.469  3.483   -1.548  1.00 0.00 ? 39 CYS A HB3  1 
ATOM   551 N N    . LYS A 1 40 ? -4.089  5.095   1.375   1.00 0.00 ? 40 LYS A N    1 
ATOM   552 C CA   . LYS A 1 40 ? -4.595  6.368   1.870   1.00 0.00 ? 40 LYS A CA   1 
ATOM   553 C C    . LYS A 1 40 ? -3.443  7.326   2.207   1.00 0.00 ? 40 LYS A C    1 
ATOM   554 O O    . LYS A 1 40 ? -3.584  8.524   1.964   1.00 0.00 ? 40 LYS A O    1 
ATOM   555 C CB   . LYS A 1 40 ? -5.564  6.164   3.037   1.00 0.00 ? 40 LYS A CB   1 
ATOM   556 C CG   . LYS A 1 40 ? -6.870  5.504   2.577   1.00 0.00 ? 40 LYS A CG   1 
ATOM   557 C CD   . LYS A 1 40 ? -8.029  6.487   2.452   1.00 0.00 ? 40 LYS A CD   1 
ATOM   558 C CE   . LYS A 1 40 ? -8.978  6.345   3.649   1.00 0.00 ? 40 LYS A CE   1 
ATOM   559 N NZ   . LYS A 1 40 ? -8.309  6.727   4.911   1.00 0.00 ? 40 LYS A NZ   1 
ATOM   560 H H    . LYS A 1 40 ? -4.369  4.330   1.966   1.00 0.00 ? 40 LYS A H    1 
ATOM   561 H HA   . LYS A 1 40 ? -5.163  6.811   1.055   1.00 0.00 ? 40 LYS A HA   1 
ATOM   562 H HB2  . LYS A 1 40 ? -5.086  5.517   3.777   1.00 0.00 ? 40 LYS A HB2  1 
ATOM   563 H HB3  . LYS A 1 40 ? -5.755  7.113   3.539   1.00 0.00 ? 40 LYS A HB3  1 
ATOM   564 H HG2  . LYS A 1 40 ? -6.713  5.014   1.614   1.00 0.00 ? 40 LYS A HG2  1 
ATOM   565 H HG3  . LYS A 1 40 ? -7.135  4.726   3.297   1.00 0.00 ? 40 LYS A HG3  1 
ATOM   566 H HD2  . LYS A 1 40 ? -7.676  7.514   2.368   1.00 0.00 ? 40 LYS A HD2  1 
ATOM   567 H HD3  . LYS A 1 40 ? -8.583  6.272   1.537   1.00 0.00 ? 40 LYS A HD3  1 
ATOM   568 H HE2  . LYS A 1 40 ? -9.866  6.957   3.491   1.00 0.00 ? 40 LYS A HE2  1 
ATOM   569 H HE3  . LYS A 1 40 ? -9.312  5.310   3.711   1.00 0.00 ? 40 LYS A HE3  1 
ATOM   570 H HZ1  . LYS A 1 40 ? -7.682  6.003   5.240   1.00 0.00 ? 40 LYS A HZ1  1 
ATOM   571 H HZ2  . LYS A 1 40 ? -8.969  6.903   5.663   1.00 0.00 ? 40 LYS A HZ2  1 
ATOM   572 N N    . ALA A 1 41 ? -2.364  6.783   2.734   1.00 0.00 ? 41 ALA A N    1 
ATOM   573 C CA   . ALA A 1 41 ? -1.174  7.547   3.054   1.00 0.00 ? 41 ALA A CA   1 
ATOM   574 C C    . ALA A 1 41 ? -0.431  7.930   1.761   1.00 0.00 ? 41 ALA A C    1 
ATOM   575 O O    . ALA A 1 41 ? -0.068  9.098   1.675   1.00 0.00 ? 41 ALA A O    1 
ATOM   576 C CB   . ALA A 1 41 ? -0.260  6.787   4.009   1.00 0.00 ? 41 ALA A CB   1 
ATOM   577 H H    . ALA A 1 41 ? -2.248  5.812   2.951   1.00 0.00 ? 41 ALA A H    1 
ATOM   578 H HA   . ALA A 1 41 ? -1.508  8.473   3.524   1.00 0.00 ? 41 ALA A HA   1 
ATOM   579 H HB1  . ALA A 1 41 ? -0.104  5.782   3.615   1.00 0.00 ? 41 ALA A HB1  1 
ATOM   580 H HB2  . ALA A 1 41 ? 0.703   7.301   4.054   1.00 0.00 ? 41 ALA A HB2  1 
ATOM   581 H HB3  . ALA A 1 41 ? -0.711  6.736   5.001   1.00 0.00 ? 41 ALA A HB3  1 
ATOM   582 N N    . VAL A 1 42 ? -0.238  6.991   0.855   1.00 0.00 ? 42 VAL A N    1 
ATOM   583 C CA   . VAL A 1 42 ? 0.395   7.212   -0.430  1.00 0.00 ? 42 VAL A CA   1 
ATOM   584 C C    . VAL A 1 42 ? -0.170  8.438   -1.171  1.00 0.00 ? 42 VAL A C    1 
ATOM   585 O O    . VAL A 1 42 ? 0.648   9.122   -1.784  1.00 0.00 ? 42 VAL A O    1 
ATOM   586 C CB   . VAL A 1 42 ? 0.372   5.967   -1.320  1.00 0.00 ? 42 VAL A CB   1 
ATOM   587 C CG1  . VAL A 1 42 ? 0.767   6.201   -2.784  1.00 0.00 ? 42 VAL A CG1  1 
ATOM   588 C CG2  . VAL A 1 42 ? 1.313   4.898   -0.747  1.00 0.00 ? 42 VAL A CG2  1 
ATOM   589 H H    . VAL A 1 42 ? -0.527  6.036   0.970   1.00 0.00 ? 42 VAL A H    1 
ATOM   590 H HA   . VAL A 1 42 ? 1.451   7.425   -0.219  1.00 0.00 ? 42 VAL A HA   1 
ATOM   591 H HB   . VAL A 1 42 ? -0.638  5.567   -1.350  1.00 0.00 ? 42 VAL A HB   1 
ATOM   592 H HG11 . VAL A 1 42 ? 1.709   6.737   -2.854  1.00 0.00 ? 42 VAL A HG11 1 
ATOM   593 H HG12 . VAL A 1 42 ? 0.897   5.223   -3.257  1.00 0.00 ? 42 VAL A HG12 1 
ATOM   594 H HG13 . VAL A 1 42 ? -0.026  6.730   -3.314  1.00 0.00 ? 42 VAL A HG13 1 
ATOM   595 H HG21 . VAL A 1 42 ? 1.404   5.015   0.328   1.00 0.00 ? 42 VAL A HG21 1 
ATOM   596 H HG22 . VAL A 1 42 ? 0.909   3.916   -0.993  1.00 0.00 ? 42 VAL A HG22 1 
ATOM   597 H HG23 . VAL A 1 42 ? 2.282   5.006   -1.234  1.00 0.00 ? 42 VAL A HG23 1 
ATOM   598 N N    . MET A 1 43 ? -1.465  8.641   -1.075  1.00 0.00 ? 43 MET A N    1 
ATOM   599 C CA   . MET A 1 43 ? -2.119  9.783   -1.681  1.00 0.00 ? 43 MET A CA   1 
ATOM   600 C C    . MET A 1 43 ? -1.567  11.151  -1.272  1.00 0.00 ? 43 MET A C    1 
ATOM   601 O O    . MET A 1 43 ? -1.499  12.033  -2.126  1.00 0.00 ? 43 MET A O    1 
ATOM   602 C CB   . MET A 1 43 ? -3.600  9.736   -1.268  1.00 0.00 ? 43 MET A CB   1 
ATOM   603 C CG   . MET A 1 43 ? -4.412  10.921  -1.769  1.00 0.00 ? 43 MET A CG   1 
ATOM   604 S SD   . MET A 1 43 ? -6.158  10.531  -1.651  1.00 0.00 ? 43 MET A SD   1 
ATOM   605 C CE   . MET A 1 43 ? -6.540  11.441  -0.159  1.00 0.00 ? 43 MET A CE   1 
ATOM   606 H H    . MET A 1 43 ? -2.102  8.037   -0.581  1.00 0.00 ? 43 MET A H    1 
ATOM   607 H HA   . MET A 1 43 ? -2.011  9.650   -2.756  1.00 0.00 ? 43 MET A HA   1 
ATOM   608 H HB2  . MET A 1 43 ? -4.036  8.809   -1.645  1.00 0.00 ? 43 MET A HB2  1 
ATOM   609 H HB3  . MET A 1 43 ? -3.652  9.706   -0.176  1.00 0.00 ? 43 MET A HB3  1 
ATOM   610 H HG2  . MET A 1 43 ? -4.237  11.810  -1.164  1.00 0.00 ? 43 MET A HG2  1 
ATOM   611 H HG3  . MET A 1 43 ? -4.164  11.170  -2.798  1.00 0.00 ? 43 MET A HG3  1 
ATOM   612 H HE1  . MET A 1 43 ? -5.771  11.246  0.589   1.00 0.00 ? 43 MET A HE1  1 
ATOM   613 H HE2  . MET A 1 43 ? -6.539  12.507  -0.384  1.00 0.00 ? 43 MET A HE2  1 
ATOM   614 H HE3  . MET A 1 43 ? -7.510  11.139  0.228   1.00 0.00 ? 43 MET A HE3  1 
ATOM   615 N N    . LYS A 1 44 ? -1.195  11.280  -0.013  1.00 0.00 ? 44 LYS A N    1 
ATOM   616 C CA   . LYS A 1 44 ? -0.700  12.537  0.532   1.00 0.00 ? 44 LYS A CA   1 
ATOM   617 C C    . LYS A 1 44 ? 0.776   12.700  0.161   1.00 0.00 ? 44 LYS A C    1 
ATOM   618 O O    . LYS A 1 44 ? 1.021   13.412  -0.806  1.00 0.00 ? 44 LYS A O    1 
ATOM   619 C CB   . LYS A 1 44 ? -1.123  12.654  2.006   1.00 0.00 ? 44 LYS A CB   1 
ATOM   620 C CG   . LYS A 1 44 ? -0.620  13.925  2.687   1.00 0.00 ? 44 LYS A CG   1 
ATOM   621 C CD   . LYS A 1 44 ? 0.423   13.622  3.769   1.00 0.00 ? 44 LYS A CD   1 
ATOM   622 C CE   . LYS A 1 44 ? 1.351   14.810  4.021   1.00 0.00 ? 44 LYS A CE   1 
ATOM   623 N NZ   . LYS A 1 44 ? 2.363   14.445  5.040   1.00 0.00 ? 44 LYS A NZ   1 
ATOM   624 H H    . LYS A 1 44 ? -1.219  10.533  0.656   1.00 0.00 ? 44 LYS A H    1 
ATOM   625 H HA   . LYS A 1 44 ? -1.239  13.365  0.048   1.00 0.00 ? 44 LYS A HA   1 
ATOM   626 H HB2  . LYS A 1 44 ? -2.218  12.646  2.046   1.00 0.00 ? 44 LYS A HB2  1 
ATOM   627 H HB3  . LYS A 1 44 ? -0.808  11.761  2.552   1.00 0.00 ? 44 LYS A HB3  1 
ATOM   628 H HG2  . LYS A 1 44 ? -0.231  14.641  1.967   1.00 0.00 ? 44 LYS A HG2  1 
ATOM   629 H HG3  . LYS A 1 44 ? -1.470  14.423  3.167   1.00 0.00 ? 44 LYS A HG3  1 
ATOM   630 H HD2  . LYS A 1 44 ? -0.098  13.382  4.699   1.00 0.00 ? 44 LYS A HD2  1 
ATOM   631 H HD3  . LYS A 1 44 ? 1.025   12.757  3.495   1.00 0.00 ? 44 LYS A HD3  1 
ATOM   632 H HE2  . LYS A 1 44 ? 1.850   15.085  3.094   1.00 0.00 ? 44 LYS A HE2  1 
ATOM   633 H HE3  . LYS A 1 44 ? 0.778   15.675  4.356   1.00 0.00 ? 44 LYS A HE3  1 
ATOM   634 H HZ1  . LYS A 1 44 ? 1.924   14.019  5.853   1.00 0.00 ? 44 LYS A HZ1  1 
ATOM   635 H HZ2  . LYS A 1 44 ? 2.892   15.245  5.371   1.00 0.00 ? 44 LYS A HZ2  1 
ATOM   636 N N    . SER A 1 45 ? 1.677   12.084  0.881   1.00 0.00 ? 45 SER A N    1 
ATOM   637 C CA   . SER A 1 45 ? 3.118   12.177  0.849   1.00 0.00 ? 45 SER A CA   1 
ATOM   638 C C    . SER A 1 45 ? 3.926   13.182  0.028   1.00 0.00 ? 45 SER A C    1 
ATOM   639 O O    . SER A 1 45 ? 4.436   14.150  0.597   1.00 0.00 ? 45 SER A O    1 
ATOM   640 C CB   . SER A 1 45 ? 3.747   10.749  0.703   1.00 0.00 ? 45 SER A CB   1 
ATOM   641 O OG   . SER A 1 45 ? 2.851   9.764   1.182   1.00 0.00 ? 45 SER A OG   1 
ATOM   642 H H    . SER A 1 45 ? 1.408   11.416  1.599   1.00 0.00 ? 45 SER A H    1 
ATOM   643 H HA   . SER A 1 45 ? 3.348   12.434  1.930   1.00 0.00 ? 45 SER A HA   1 
ATOM   644 H HB2  . SER A 1 45 ? 4.005   10.590  -0.330  1.00 0.00 ? 45 SER A HB2  1 
ATOM   645 H HB3  . SER A 1 45 ? 4.662   10.695  1.272   1.00 0.00 ? 45 SER A HB3  1 
ATOM   646 H HG   . SER A 1 45 ? 2.301   9.412   0.430   1.00 0.00 ? 45 SER A HG   1 
ATOM   647 N N    . GLY A 1 46 ? 4.032   12.949  -1.273  1.00 0.00 ? 46 GLY A N    1 
ATOM   648 C CA   . GLY A 1 46 ? 4.956   13.700  -2.101  1.00 0.00 ? 46 GLY A CA   1 
ATOM   649 C C    . GLY A 1 46 ? 4.918   13.196  -3.540  1.00 0.00 ? 46 GLY A C    1 
ATOM   650 O O    . GLY A 1 46 ? 4.623   13.971  -4.448  1.00 0.00 ? 46 GLY A O    1 
ATOM   651 H H    . GLY A 1 46 ? 3.494   12.257  -1.753  1.00 0.00 ? 46 GLY A H    1 
ATOM   652 H HA2  . GLY A 1 46 ? 4.717   14.761  -2.059  1.00 0.00 ? 46 GLY A HA2  1 
ATOM   653 H HA3  . GLY A 1 46 ? 5.969   13.591  -1.699  1.00 0.00 ? 46 GLY A HA3  1 
ATOM   654 N N    . GLY A 1 47 ? 5.218   11.913  -3.701  1.00 0.00 ? 47 GLY A N    1 
ATOM   655 C CA   . GLY A 1 47 ? 5.507   11.390  -5.021  1.00 0.00 ? 47 GLY A CA   1 
ATOM   656 C C    . GLY A 1 47 ? 6.269   10.063  -4.992  1.00 0.00 ? 47 GLY A C    1 
ATOM   657 O O    . GLY A 1 47 ? 7.488   10.046  -4.874  1.00 0.00 ? 47 GLY A O    1 
ATOM   658 H H    . GLY A 1 47 ? 5.258   11.252  -2.949  1.00 0.00 ? 47 GLY A H    1 
ATOM   659 H HA2  . GLY A 1 47 ? 4.571   11.280  -5.572  1.00 0.00 ? 47 GLY A HA2  1 
ATOM   660 H HA3  . GLY A 1 47 ? 6.107   12.127  -5.567  1.00 0.00 ? 47 GLY A HA3  1 
ATOM   661 N N    . LYS A 1 48 ? 5.513   8.983   -5.107  1.00 0.00 ? 48 LYS A N    1 
ATOM   662 C CA   . LYS A 1 48 ? 6.020   7.647   -5.291  1.00 0.00 ? 48 LYS A CA   1 
ATOM   663 C C    . LYS A 1 48 ? 6.634   6.981   -4.051  1.00 0.00 ? 48 LYS A C    1 
ATOM   664 O O    . LYS A 1 48 ? 7.808   7.190   -3.773  1.00 0.00 ? 48 LYS A O    1 
ATOM   665 C CB   . LYS A 1 48 ? 6.936   7.518   -6.526  1.00 0.00 ? 48 LYS A CB   1 
ATOM   666 C CG   . LYS A 1 48 ? 6.184   7.748   -7.837  1.00 0.00 ? 48 LYS A CG   1 
ATOM   667 C CD   . LYS A 1 48 ? 5.470   6.483   -8.325  1.00 0.00 ? 48 LYS A CD   1 
ATOM   668 C CE   . LYS A 1 48 ? 4.242   6.857   -9.158  1.00 0.00 ? 48 LYS A CE   1 
ATOM   669 N NZ   . LYS A 1 48 ? 3.072   7.104   -8.285  1.00 0.00 ? 48 LYS A NZ   1 
ATOM   670 H H    . LYS A 1 48 ? 4.508   9.012   -5.084  1.00 0.00 ? 48 LYS A H    1 
ATOM   671 H HA   . LYS A 1 48 ? 5.130   7.033   -5.542  1.00 0.00 ? 48 LYS A HA   1 
ATOM   672 H HB2  . LYS A 1 48 ? 7.773   8.207   -6.457  1.00 0.00 ? 48 LYS A HB2  1 
ATOM   673 H HB3  . LYS A 1 48 ? 7.360   6.515   -6.528  1.00 0.00 ? 48 LYS A HB3  1 
ATOM   674 H HG2  . LYS A 1 48 ? 5.464   8.561   -7.736  1.00 0.00 ? 48 LYS A HG2  1 
ATOM   675 H HG3  . LYS A 1 48 ? 6.901   8.051   -8.604  1.00 0.00 ? 48 LYS A HG3  1 
ATOM   676 H HD2  . LYS A 1 48 ? 6.153   5.858   -8.900  1.00 0.00 ? 48 LYS A HD2  1 
ATOM   677 H HD3  . LYS A 1 48 ? 5.145   5.896   -7.469  1.00 0.00 ? 48 LYS A HD3  1 
ATOM   678 H HE2  . LYS A 1 48 ? 4.465   7.754   -9.736  1.00 0.00 ? 48 LYS A HE2  1 
ATOM   679 H HE3  . LYS A 1 48 ? 4.025   6.052   -9.857  1.00 0.00 ? 48 LYS A HE3  1 
ATOM   680 H HZ1  . LYS A 1 48 ? 2.822   6.291   -7.738  1.00 0.00 ? 48 LYS A HZ1  1 
ATOM   681 H HZ2  . LYS A 1 48 ? 2.241   7.353   -8.808  1.00 0.00 ? 48 LYS A HZ2  1 
ATOM   682 N N    . ILE A 1 49 ? 5.820   6.202   -3.358  1.00 0.00 ? 49 ILE A N    1 
ATOM   683 C CA   . ILE A 1 49 ? 6.079   5.740   -2.012  1.00 0.00 ? 49 ILE A CA   1 
ATOM   684 C C    . ILE A 1 49 ? 5.707   4.232   -2.009  1.00 0.00 ? 49 ILE A C    1 
ATOM   685 O O    . ILE A 1 49 ? 4.879   3.778   -1.227  1.00 0.00 ? 49 ILE A O    1 
ATOM   686 C CB   . ILE A 1 49 ? 5.377   6.543   -0.923  1.00 0.00 ? 49 ILE A CB   1 
ATOM   687 C CG1  . ILE A 1 49 ? 5.300   8.058   -1.156  1.00 0.00 ? 49 ILE A CG1  1 
ATOM   688 C CG2  . ILE A 1 49 ? 6.003   6.290   0.462   1.00 0.00 ? 49 ILE A CG2  1 
ATOM   689 C CD1  . ILE A 1 49 ? 4.110   8.431   -2.041  1.00 0.00 ? 49 ILE A CD1  1 
ATOM   690 H H    . ILE A 1 49 ? 4.945   5.861   -3.730  1.00 0.00 ? 49 ILE A H    1 
ATOM   691 H HA   . ILE A 1 49 ? 7.140   5.766   -1.785  1.00 0.00 ? 49 ILE A HA   1 
ATOM   692 H HB   . ILE A 1 49 ? 4.335   6.229   -0.843  1.00 0.00 ? 49 ILE A HB   1 
ATOM   693 H HG12 . ILE A 1 49 ? 5.174   8.545   -0.185  1.00 0.00 ? 49 ILE A HG12 1 
ATOM   694 H HG13 . ILE A 1 49 ? 6.230   8.444   -1.564  1.00 0.00 ? 49 ILE A HG13 1 
ATOM   695 H HG21 . ILE A 1 49 ? 6.130   5.229   0.641   1.00 0.00 ? 49 ILE A HG21 1 
ATOM   696 H HG22 . ILE A 1 49 ? 6.957   6.811   0.530   1.00 0.00 ? 49 ILE A HG22 1 
ATOM   697 H HG23 . ILE A 1 49 ? 5.327   6.696   1.213   1.00 0.00 ? 49 ILE A HG23 1 
ATOM   698 H HD11 . ILE A 1 49 ? 4.080   7.797   -2.926  1.00 0.00 ? 49 ILE A HD11 1 
ATOM   699 H HD12 . ILE A 1 49 ? 3.187   8.287   -1.480  1.00 0.00 ? 49 ILE A HD12 1 
ATOM   700 H HD13 . ILE A 1 49 ? 4.189   9.473   -2.356  1.00 0.00 ? 49 ILE A HD13 1 
ATOM   701 N N    . ASN A 1 50 ? 6.355   3.497   -2.901  1.00 0.00 ? 50 ASN A N    1 
ATOM   702 C CA   . ASN A 1 50 ? 6.001   2.121   -3.177  1.00 0.00 ? 50 ASN A CA   1 
ATOM   703 C C    . ASN A 1 50 ? 6.431   1.163   -2.066  1.00 0.00 ? 50 ASN A C    1 
ATOM   704 O O    . ASN A 1 50 ? 7.294   1.481   -1.246  1.00 0.00 ? 50 ASN A O    1 
ATOM   705 C CB   . ASN A 1 50 ? 6.680   1.656   -4.477  1.00 0.00 ? 50 ASN A CB   1 
ATOM   706 C CG   . ASN A 1 50 ? 6.024   2.342   -5.674  1.00 0.00 ? 50 ASN A CG   1 
ATOM   707 O OD1  . ASN A 1 50 ? 4.876   2.110   -6.012  1.00 0.00 ? 50 ASN A OD1  1 
ATOM   708 N ND2  . ASN A 1 50 ? 6.812   3.201   -6.305  1.00 0.00 ? 50 ASN A ND2  1 
ATOM   709 H H    . ASN A 1 50 ? 7.125   3.836   -3.444  1.00 0.00 ? 50 ASN A H    1 
ATOM   710 H HA   . ASN A 1 50 ? 4.921   2.103   -3.336  1.00 0.00 ? 50 ASN A HA   1 
ATOM   711 H HB2  . ASN A 1 50 ? 7.746   1.869   -4.442  1.00 0.00 ? 50 ASN A HB2  1 
ATOM   712 H HB3  . ASN A 1 50 ? 6.590   0.580   -4.603  1.00 0.00 ? 50 ASN A HB3  1 
ATOM   713 H HD21 . ASN A 1 50 ? 7.567   3.631   -5.813  1.00 0.00 ? 50 ASN A HD21 1 
ATOM   714 H HD22 . ASN A 1 50 ? 6.660   3.426   -7.270  1.00 0.00 ? 50 ASN A HD22 1 
ATOM   715 N N    . LEU A 1 51 ? 5.814   -0.012  -2.066  1.00 0.00 ? 51 LEU A N    1 
ATOM   716 C CA   . LEU A 1 51 ? 6.095   -1.060  -1.107  1.00 0.00 ? 51 LEU A CA   1 
ATOM   717 C C    . LEU A 1 51 ? 7.291   -1.847  -1.654  1.00 0.00 ? 51 LEU A C    1 
ATOM   718 O O    . LEU A 1 51 ? 7.647   -1.622  -2.811  1.00 0.00 ? 51 LEU A O    1 
ATOM   719 C CB   . LEU A 1 51 ? 4.864   -1.955  -0.902  1.00 0.00 ? 51 LEU A CB   1 
ATOM   720 C CG   . LEU A 1 51 ? 4.474   -2.887  -2.047  1.00 0.00 ? 51 LEU A CG   1 
ATOM   721 C CD1  . LEU A 1 51 ? 5.008   -4.306  -1.848  1.00 0.00 ? 51 LEU A CD1  1 
ATOM   722 C CD2  . LEU A 1 51 ? 2.951   -2.895  -2.228  1.00 0.00 ? 51 LEU A CD2  1 
ATOM   723 H H    . LEU A 1 51 ? 5.108   -0.261  -2.734  1.00 0.00 ? 51 LEU A H    1 
ATOM   724 H HA   . LEU A 1 51 ? 6.326   -0.650  -0.137  1.00 0.00 ? 51 LEU A HA   1 
ATOM   725 H HB2  . LEU A 1 51 ? 5.059   -2.576  -0.023  1.00 0.00 ? 51 LEU A HB2  1 
ATOM   726 H HB3  . LEU A 1 51 ? 4.012   -1.319  -0.659  1.00 0.00 ? 51 LEU A HB3  1 
ATOM   727 H HG   . LEU A 1 51 ? 4.884   -2.498  -2.978  1.00 0.00 ? 51 LEU A HG   1 
ATOM   728 H HD11 . LEU A 1 51 ? 4.736   -4.674  -0.856  1.00 0.00 ? 51 LEU A HD11 1 
ATOM   729 H HD12 . LEU A 1 51 ? 4.588   -4.967  -2.606  1.00 0.00 ? 51 LEU A HD12 1 
ATOM   730 H HD13 . LEU A 1 51 ? 6.093   -4.306  -1.951  1.00 0.00 ? 51 LEU A HD13 1 
ATOM   731 H HD21 . LEU A 1 51 ? 2.482   -3.047  -1.257  1.00 0.00 ? 51 LEU A HD21 1 
ATOM   732 H HD22 . LEU A 1 51 ? 2.631   -1.945  -2.658  1.00 0.00 ? 51 LEU A HD22 1 
ATOM   733 H HD23 . LEU A 1 51 ? 2.660   -3.711  -2.886  1.00 0.00 ? 51 LEU A HD23 1 
ATOM   734 N N    . LYS A 1 52 ? 7.851   -2.712  -0.828  1.00 0.00 ? 52 LYS A N    1 
ATOM   735 C CA   . LYS A 1 52 ? 8.987   -3.515  -1.251  1.00 0.00 ? 52 LYS A CA   1 
ATOM   736 C C    . LYS A 1 52 ? 8.930   -4.923  -0.644  1.00 0.00 ? 52 LYS A C    1 
ATOM   737 O O    . LYS A 1 52 ? 8.697   -5.874  -1.383  1.00 0.00 ? 52 LYS A O    1 
ATOM   738 C CB   . LYS A 1 52 ? 10.313  -2.779  -1.034  1.00 0.00 ? 52 LYS A CB   1 
ATOM   739 C CG   . LYS A 1 52 ? 11.030  -2.447  -2.345  1.00 0.00 ? 52 LYS A CG   1 
ATOM   740 C CD   . LYS A 1 52 ? 12.096  -1.371  -2.104  1.00 0.00 ? 52 LYS A CD   1 
ATOM   741 C CE   . LYS A 1 52 ? 11.464  0.018   -2.145  1.00 0.00 ? 52 LYS A CE   1 
ATOM   742 N NZ   . LYS A 1 52 ? 11.226  0.417   -3.551  1.00 0.00 ? 52 LYS A NZ   1 
ATOM   743 H H    . LYS A 1 52 ? 7.531   -2.861  0.109   1.00 0.00 ? 52 LYS A H    1 
ATOM   744 H HA   . LYS A 1 52 ? 8.906   -3.669  -2.335  1.00 0.00 ? 52 LYS A HA   1 
ATOM   745 H HB2  . LYS A 1 52 ? 10.112  -1.866  -0.467  1.00 0.00 ? 52 LYS A HB2  1 
ATOM   746 H HB3  . LYS A 1 52 ? 11.001  -3.362  -0.420  1.00 0.00 ? 52 LYS A HB3  1 
ATOM   747 H HG2  . LYS A 1 52 ? 11.491  -3.355  -2.736  1.00 0.00 ? 52 LYS A HG2  1 
ATOM   748 H HG3  . LYS A 1 52 ? 10.339  -2.093  -3.106  1.00 0.00 ? 52 LYS A HG3  1 
ATOM   749 H HD2  . LYS A 1 52 ? 12.575  -1.550  -1.142  1.00 0.00 ? 52 LYS A HD2  1 
ATOM   750 H HD3  . LYS A 1 52 ? 12.878  -1.463  -2.857  1.00 0.00 ? 52 LYS A HD3  1 
ATOM   751 H HE2  . LYS A 1 52 ? 10.507  0.026   -1.615  1.00 0.00 ? 52 LYS A HE2  1 
ATOM   752 H HE3  . LYS A 1 52 ? 12.098  0.747   -1.638  1.00 0.00 ? 52 LYS A HE3  1 
ATOM   753 H HZ1  . LYS A 1 52 ? 12.091  0.540   -4.066  1.00 0.00 ? 52 LYS A HZ1  1 
ATOM   754 H HZ2  . LYS A 1 52 ? 10.730  1.297   -3.624  1.00 0.00 ? 52 LYS A HZ2  1 
ATOM   755 N N    . HIS A 1 53 ? 9.142   -5.009  0.660   1.00 0.00 ? 53 HIS A N    1 
ATOM   756 C CA   . HIS A 1 53 ? 9.114   -6.259  1.378   1.00 0.00 ? 53 HIS A CA   1 
ATOM   757 C C    . HIS A 1 53 ? 7.720   -6.598  1.908   1.00 0.00 ? 53 HIS A C    1 
ATOM   758 O O    . HIS A 1 53 ? 6.976   -5.701  2.291   1.00 0.00 ? 53 HIS A O    1 
ATOM   759 C CB   . HIS A 1 53 ? 10.135  -6.214  2.532   1.00 0.00 ? 53 HIS A CB   1 
ATOM   760 C CG   . HIS A 1 53 ? 11.564  -5.983  2.114   1.00 0.00 ? 53 HIS A CG   1 
ATOM   761 N ND1  . HIS A 1 53 ? 12.148  -4.734  1.969   1.00 0.00 ? 53 HIS A ND1  1 
ATOM   762 C CD2  . HIS A 1 53 ? 12.549  -6.880  1.800   1.00 0.00 ? 53 HIS A CD2  1 
ATOM   763 C CE1  . HIS A 1 53 ? 13.463  -4.903  1.998   1.00 0.00 ? 53 HIS A CE1  1 
ATOM   764 N NE2  . HIS A 1 53 ? 13.712  -6.247  1.923   1.00 0.00 ? 53 HIS A NE2  1 
ATOM   765 H H    . HIS A 1 53 ? 9.334   -4.203  1.226   1.00 0.00 ? 53 HIS A H    1 
ATOM   766 H HA   . HIS A 1 53 ? 9.453   -7.065  0.732   1.00 0.00 ? 53 HIS A HA   1 
ATOM   767 H HB2  . HIS A 1 53 ? 9.832   -5.455  3.246   1.00 0.00 ? 53 HIS A HB2  1 
ATOM   768 H HB3  . HIS A 1 53 ? 10.083  -7.177  3.045   1.00 0.00 ? 53 HIS A HB3  1 
ATOM   769 H HD1  . HIS A 1 53 ? 11.674  -3.860  1.858   1.00 0.00 ? 53 HIS A HD1  1 
ATOM   770 H HD2  . HIS A 1 53 ? 12.398  -7.918  1.505   1.00 0.00 ? 53 HIS A HD2  1 
ATOM   771 H HE1  . HIS A 1 53 ? 14.214  -4.118  2.061   1.00 0.00 ? 53 HIS A HE1  1 
ATOM   772 N N    . ARG A 1 54 ? 7.418   -7.891  1.913   1.00 0.00 ? 54 ARG A N    1 
ATOM   773 C CA   . ARG A 1 54 ? 6.259   -8.423  2.584   1.00 0.00 ? 54 ARG A CA   1 
ATOM   774 C C    . ARG A 1 54 ? 6.601   -8.637  4.063   1.00 0.00 ? 54 ARG A C    1 
ATOM   775 O O    . ARG A 1 54 ? 7.681   -9.149  4.356   1.00 0.00 ? 54 ARG A O    1 
ATOM   776 C CB   . ARG A 1 54 ? 5.829   -9.788  2.026   1.00 0.00 ? 54 ARG A CB   1 
ATOM   777 C CG   . ARG A 1 54 ? 4.937   -9.595  0.799   1.00 0.00 ? 54 ARG A CG   1 
ATOM   778 C CD   . ARG A 1 54 ? 3.471   -9.389  1.194   1.00 0.00 ? 54 ARG A CD   1 
ATOM   779 N NE   . ARG A 1 54 ? 2.868   -10.659 1.644   1.00 0.00 ? 54 ARG A NE   1 
ATOM   780 C CZ   . ARG A 1 54 ? 2.127   -11.497 0.891   1.00 0.00 ? 54 ARG A CZ   1 
ATOM   781 N NH1  . ARG A 1 54 ? 0.847   -11.225 0.562   1.00 0.00 ? 54 ARG A NH1  1 
ATOM   782 N NH2  . ARG A 1 54 ? 2.675   -12.623 0.465   1.00 0.00 ? 54 ARG A NH2  1 
ATOM   783 H H    . ARG A 1 54 ? 7.981   -8.585  1.452   1.00 0.00 ? 54 ARG A H    1 
ATOM   784 H HA   . ARG A 1 54 ? 5.433   -7.731  2.445   1.00 0.00 ? 54 ARG A HA   1 
ATOM   785 H HB2  . ARG A 1 54 ? 6.692   -10.405 1.791   1.00 0.00 ? 54 ARG A HB2  1 
ATOM   786 H HB3  . ARG A 1 54 ? 5.268   -10.314 2.798   1.00 0.00 ? 54 ARG A HB3  1 
ATOM   787 H HG2  . ARG A 1 54 ? 5.279   -8.732  0.225   1.00 0.00 ? 54 ARG A HG2  1 
ATOM   788 H HG3  . ARG A 1 54 ? 5.008   -10.473 0.164   1.00 0.00 ? 54 ARG A HG3  1 
ATOM   789 H HD2  . ARG A 1 54 ? 3.423   -8.649  1.996   1.00 0.00 ? 54 ARG A HD2  1 
ATOM   790 H HD3  . ARG A 1 54 ? 2.911   -8.961  0.361   1.00 0.00 ? 54 ARG A HD3  1 
ATOM   791 H HE   . ARG A 1 54 ? 3.021   -10.917 2.599   1.00 0.00 ? 54 ARG A HE   1 
ATOM   792 H HH11 . ARG A 1 54 ? 0.436   -10.344 0.793   1.00 0.00 ? 54 ARG A HH11 1 
ATOM   793 H HH12 . ARG A 1 54 ? 0.291   -11.901 0.082   1.00 0.00 ? 54 ARG A HH12 1 
ATOM   794 H HH21 . ARG A 1 54 ? 2.271   -13.520 0.654   1.00 0.00 ? 54 ARG A HH21 1 
ATOM   795 N N    . GLY A 1 55 ? 5.678   -8.249  4.924   1.00 0.00 ? 55 GLY A N    1 
ATOM   796 C CA   . GLY A 1 55 ? 5.932   -8.282  6.353   1.00 0.00 ? 55 GLY A CA   1 
ATOM   797 C C    . GLY A 1 55 ? 6.954   -7.232  6.791   1.00 0.00 ? 55 GLY A C    1 
ATOM   798 O O    . GLY A 1 55 ? 6.910   -6.102  6.315   1.00 0.00 ? 55 GLY A O    1 
ATOM   799 H H    . GLY A 1 55 ? 4.774   -7.916  4.654   1.00 0.00 ? 55 GLY A H    1 
ATOM   800 H HA2  . GLY A 1 55 ? 4.996   -8.110  6.896   1.00 0.00 ? 55 GLY A HA2  1 
ATOM   801 H HA3  . GLY A 1 55 ? 6.281   -9.280  6.626   1.00 0.00 ? 55 GLY A HA3  1 
ATOM   802 N N    . LYS A 1 56 ? 7.838   -7.646  7.688   1.00 0.00 ? 56 LYS A N    1 
ATOM   803 C CA   . LYS A 1 56 ? 8.807   -6.741  8.273   1.00 0.00 ? 56 LYS A CA   1 
ATOM   804 C C    . LYS A 1 56 ? 9.886   -6.354  7.260   1.00 0.00 ? 56 LYS A C    1 
ATOM   805 O O    . LYS A 1 56 ? 10.197  -7.145  6.376   1.00 0.00 ? 56 LYS A O    1 
ATOM   806 C CB   . LYS A 1 56 ? 9.335   -7.290  9.607   1.00 0.00 ? 56 LYS A CB   1 
ATOM   807 C CG   . LYS A 1 56 ? 10.325  -8.448  9.479   1.00 0.00 ? 56 LYS A CG   1 
ATOM   808 C CD   . LYS A 1 56 ? 11.774  -7.971  9.629   1.00 0.00 ? 56 LYS A CD   1 
ATOM   809 C CE   . LYS A 1 56 ? 12.784  -9.078  9.330   1.00 0.00 ? 56 LYS A CE   1 
ATOM   810 N NZ   . LYS A 1 56 ? 14.005  -8.506  8.710   1.00 0.00 ? 56 LYS A NZ   1 
ATOM   811 H H    . LYS A 1 56 ? 7.901   -8.589  8.015   1.00 0.00 ? 56 LYS A H    1 
ATOM   812 H HA   . LYS A 1 56 ? 8.270   -5.820  8.541   1.00 0.00 ? 56 LYS A HA   1 
ATOM   813 H HB2  . LYS A 1 56 ? 9.813   -6.471  10.151  1.00 0.00 ? 56 LYS A HB2  1 
ATOM   814 H HB3  . LYS A 1 56 ? 8.479   -7.625  10.201  1.00 0.00 ? 56 LYS A HB3  1 
ATOM   815 H HG2  . LYS A 1 56 ? 10.120  -9.165  10.281  1.00 0.00 ? 56 LYS A HG2  1 
ATOM   816 H HG3  . LYS A 1 56 ? 10.189  -8.999  8.553   1.00 0.00 ? 56 LYS A HG3  1 
ATOM   817 H HD2  . LYS A 1 56 ? 11.958  -7.133  8.952   1.00 0.00 ? 56 LYS A HD2  1 
ATOM   818 H HD3  . LYS A 1 56 ? 11.938  -7.581  10.636  1.00 0.00 ? 56 LYS A HD3  1 
ATOM   819 H HE2  . LYS A 1 56 ? 13.066  -9.570  10.259  1.00 0.00 ? 56 LYS A HE2  1 
ATOM   820 H HE3  . LYS A 1 56 ? 12.355  -9.826  8.667   1.00 0.00 ? 56 LYS A HE3  1 
ATOM   821 H HZ1  . LYS A 1 56 ? 13.927  -8.459  7.698   1.00 0.00 ? 56 LYS A HZ1  1 
ATOM   822 H HZ2  . LYS A 1 56 ? 14.831  -9.055  8.921   1.00 0.00 ? 56 LYS A HZ2  1 
ATOM   823 N N    . CYS A 1 57 ? 10.415  -5.154  7.428   1.00 0.00 ? 57 CYS A N    1 
ATOM   824 C CA   . CYS A 1 57 ? 11.415  -4.618  6.530   1.00 0.00 ? 57 CYS A CA   1 
ATOM   825 C C    . CYS A 1 57 ? 12.767  -5.234  6.900   1.00 0.00 ? 57 CYS A C    1 
ATOM   826 O O    . CYS A 1 57 ? 13.319  -5.001  7.973   1.00 0.00 ? 57 CYS A O    1 
ATOM   827 C CB   . CYS A 1 57 ? 11.464  -3.085  6.569   1.00 0.00 ? 57 CYS A CB   1 
ATOM   828 S SG   . CYS A 1 57 ? 11.526  -2.321  4.910   1.00 0.00 ? 57 CYS A SG   1 
ATOM   829 H H    . CYS A 1 57 ? 10.168  -4.538  8.180   1.00 0.00 ? 57 CYS A H    1 
ATOM   830 H HA   . CYS A 1 57 ? 11.140  -4.866  5.504   1.00 0.00 ? 57 CYS A HA   1 
ATOM   831 H HB2  . CYS A 1 57 ? 10.593  -2.711  7.103   1.00 0.00 ? 57 CYS A HB2  1 
ATOM   832 H HB3  . CYS A 1 57 ? 12.334  -2.753  7.130   1.00 0.00 ? 57 CYS A HB3  1 
# 
